data_5RM4
#
_entry.id   5RM4
#
_cell.length_a   59.219
_cell.length_b   70.367
_cell.length_c   85.533
_cell.angle_alpha   102.410
_cell.angle_beta   96.270
_cell.angle_gamma   112.450
#
_symmetry.space_group_name_H-M   'P 1'
#
loop_
_entity.id
_entity.type
_entity.pdbx_description
1 polymer Helicase
2 non-polymer 'ZINC ION'
3 non-polymer 'PHOSPHATE ION'
4 non-polymer 2-fluoro-N,3-dimethylbenzene-1-sulfonamide
5 water water
#
_entity_poly.entity_id   1
_entity_poly.type   'polypeptide(L)'
_entity_poly.pdbx_seq_one_letter_code
;AVGACVLCNSQTSLRCGACIRRPFLCCKCCYDHVISTSHKLVLSVNPYVCNAPGCDVTDVTQLYLGGMSYYCKSHKPPIS
FPLCANGQVFGLYKNTCVGSDNVTDFNAIATCDWTNAGDYILANTCTERLKLFAAETLKATEETFKLSYGIATVREVLSD
RELHLSWEVGKPRPPLNRNYVFTGYRVTKNSKVQIGEYTFEKGDYGDAVVYRGTTTYKLNVGDYFVLTSHTVMPLSAPTL
VPQEHYVRITGLYPTLNISDEFSSNVANYQKVGMQKYSTLQGPPGTGKSHFAIGLALYYPSARIVYTACSHAAVDALCEK
ALKYLPIDKCSRIIPARARVECFDKFKVNSTLEQYVFCTVNALPETTADIVVFDEISMATNYDLSVVNARLRAKHYVYIG
DPAQLPAPRTLLTKGTLEPEYFNSVCRLMKTIGPDMFLGTCRRCPAEIVDTVSALVYDNKLKAHKDKSAQCFKMFYKGVI
THDVSSAINRPQIGVVREFLTRNPAWRKAVFISPYNSQNAVASKILGLPTQTVDSSQGSEYDYVIFTQTTETAHSCNVNR
FNVAITRAKVGILCIMSDRDLYDKLQFTSLEIPRRNVATLQ
;
_entity_poly.pdbx_strand_id   B,A
#
# COMPACT_ATOMS: atom_id res chain seq x y z
N VAL A 2 1.10 15.63 -21.94
CA VAL A 2 0.03 16.69 -21.97
C VAL A 2 -0.53 16.90 -20.56
N GLY A 3 -0.86 18.14 -20.16
CA GLY A 3 -1.32 18.48 -18.81
C GLY A 3 -1.55 19.97 -18.67
N ALA A 4 -1.50 20.50 -17.45
CA ALA A 4 -1.87 21.90 -17.11
C ALA A 4 -0.66 22.71 -16.57
N CYS A 5 -0.22 23.69 -17.36
CA CYS A 5 0.66 24.81 -16.95
C CYS A 5 0.39 25.18 -15.50
N VAL A 6 1.37 24.97 -14.60
CA VAL A 6 1.26 25.26 -13.15
C VAL A 6 1.18 26.77 -12.90
N LEU A 7 1.40 27.61 -13.93
CA LEU A 7 1.32 29.10 -13.83
C LEU A 7 0.04 29.66 -14.46
N CYS A 8 -0.34 29.16 -15.65
CA CYS A 8 -1.51 29.64 -16.44
C CYS A 8 -2.71 28.71 -16.23
N ASN A 9 -2.45 27.41 -16.28
CA ASN A 9 -3.50 26.36 -16.35
C ASN A 9 -3.77 26.02 -17.81
N SER A 10 -3.43 26.97 -18.70
CA SER A 10 -3.24 26.74 -20.15
C SER A 10 -2.94 25.25 -20.33
N GLN A 11 -3.64 24.58 -21.25
CA GLN A 11 -3.35 23.17 -21.61
C GLN A 11 -2.00 23.16 -22.29
N THR A 12 -1.17 22.12 -22.11
CA THR A 12 0.20 22.09 -22.71
C THR A 12 0.83 20.70 -22.70
N SER A 13 1.69 20.48 -23.70
CA SER A 13 2.43 19.23 -24.02
C SER A 13 3.89 19.32 -23.53
N LEU A 14 4.23 20.33 -22.73
CA LEU A 14 5.63 20.69 -22.34
C LEU A 14 5.78 20.60 -20.82
N ARG A 15 6.69 19.75 -20.34
CA ARG A 15 7.20 19.71 -18.94
C ARG A 15 8.68 20.09 -18.92
N CYS A 16 9.10 21.06 -18.10
CA CYS A 16 10.54 21.29 -17.78
C CYS A 16 11.15 19.98 -17.28
N GLY A 17 12.25 19.54 -17.90
CA GLY A 17 13.00 18.33 -17.49
C GLY A 17 13.92 18.60 -16.32
N ALA A 18 14.51 19.82 -16.23
CA ALA A 18 15.52 20.20 -15.22
C ALA A 18 14.87 20.25 -13.82
N CYS A 19 13.71 20.92 -13.71
CA CYS A 19 12.77 20.82 -12.55
C CYS A 19 12.64 19.34 -12.12
N ILE A 20 12.85 19.06 -10.84
CA ILE A 20 12.93 17.64 -10.38
C ILE A 20 11.55 16.99 -10.47
N ARG A 21 10.50 17.81 -10.57
CA ARG A 21 9.06 17.43 -10.50
C ARG A 21 8.37 17.50 -11.88
N ARG A 22 9.08 18.00 -12.90
CA ARG A 22 8.65 18.00 -14.32
C ARG A 22 7.29 18.66 -14.47
N PRO A 23 7.10 19.88 -13.95
CA PRO A 23 5.82 20.54 -14.07
C PRO A 23 5.42 20.74 -15.54
N PHE A 24 4.13 20.68 -15.87
CA PHE A 24 3.56 21.15 -17.17
C PHE A 24 3.71 22.66 -17.23
N LEU A 25 4.35 23.13 -18.31
CA LEU A 25 4.51 24.57 -18.65
C LEU A 25 4.05 24.81 -20.09
N CYS A 26 3.06 25.71 -20.25
CA CYS A 26 2.54 26.20 -21.55
C CYS A 26 3.67 26.91 -22.31
N CYS A 27 3.64 26.80 -23.63
CA CYS A 27 4.57 27.50 -24.56
C CYS A 27 5.01 28.83 -23.95
N LYS A 28 4.08 29.65 -23.46
CA LYS A 28 4.44 30.99 -22.93
C LYS A 28 5.34 30.76 -21.70
N CYS A 29 4.84 30.04 -20.69
CA CYS A 29 5.46 29.94 -19.34
C CYS A 29 6.72 29.06 -19.42
N CYS A 30 6.69 28.00 -20.23
CA CYS A 30 7.88 27.15 -20.48
C CYS A 30 9.09 28.00 -20.89
N TYR A 31 8.90 28.90 -21.86
CA TYR A 31 9.90 29.86 -22.40
C TYR A 31 10.36 30.85 -21.31
N ASP A 32 9.42 31.59 -20.73
CA ASP A 32 9.75 32.63 -19.72
C ASP A 32 10.64 31.97 -18.64
N HIS A 33 10.37 30.70 -18.32
CA HIS A 33 11.14 29.85 -17.37
C HIS A 33 12.54 29.60 -17.90
N VAL A 34 12.65 28.94 -19.06
CA VAL A 34 13.96 28.47 -19.62
C VAL A 34 14.92 29.65 -19.84
N ILE A 35 14.45 30.80 -20.33
CA ILE A 35 15.34 31.94 -20.72
C ILE A 35 15.73 32.75 -19.49
N SER A 36 15.14 32.49 -18.33
CA SER A 36 15.41 33.32 -17.13
C SER A 36 16.04 32.48 -16.02
N THR A 37 16.42 31.21 -16.31
CA THR A 37 17.11 30.28 -15.37
C THR A 37 18.11 29.38 -16.13
N SER A 38 18.78 28.47 -15.42
CA SER A 38 19.67 27.40 -15.95
C SER A 38 18.86 26.23 -16.49
N HIS A 39 17.58 26.15 -16.14
CA HIS A 39 16.71 25.01 -16.54
C HIS A 39 16.46 25.15 -18.05
N LYS A 40 17.07 24.31 -18.91
CA LYS A 40 16.92 24.39 -20.40
C LYS A 40 16.40 23.08 -21.02
N LEU A 41 16.47 21.94 -20.32
CA LEU A 41 15.88 20.67 -20.81
C LEU A 41 14.35 20.81 -20.77
N VAL A 42 13.67 20.31 -21.82
CA VAL A 42 12.21 20.46 -22.06
C VAL A 42 11.70 19.14 -22.60
N LEU A 43 10.69 18.55 -21.94
CA LEU A 43 10.06 17.24 -22.27
C LEU A 43 8.66 17.48 -22.84
N SER A 44 8.27 16.68 -23.83
CA SER A 44 6.92 16.69 -24.44
C SER A 44 6.31 15.28 -24.42
N VAL A 45 5.56 14.93 -25.48
CA VAL A 45 5.26 13.52 -25.90
C VAL A 45 6.61 12.84 -26.20
N ASN A 46 7.65 13.65 -26.41
CA ASN A 46 9.07 13.23 -26.46
C ASN A 46 9.91 14.20 -25.64
N PRO A 47 11.23 13.94 -25.47
CA PRO A 47 12.18 14.90 -24.90
C PRO A 47 12.86 15.77 -25.97
N TYR A 48 12.81 17.10 -25.81
CA TYR A 48 13.44 18.07 -26.74
C TYR A 48 14.95 17.93 -26.60
N VAL A 49 15.53 16.95 -27.31
CA VAL A 49 16.98 16.62 -27.34
C VAL A 49 17.36 16.28 -28.79
N CYS A 50 18.63 16.43 -29.19
CA CYS A 50 19.08 16.17 -30.59
C CYS A 50 19.08 14.66 -30.88
N ASN A 51 18.15 14.20 -31.73
CA ASN A 51 17.98 12.78 -32.15
C ASN A 51 19.23 12.32 -32.92
N ALA A 52 20.10 13.22 -33.38
CA ALA A 52 21.31 12.91 -34.19
C ALA A 52 22.19 11.93 -33.41
N PRO A 53 22.90 11.01 -34.11
CA PRO A 53 23.69 9.96 -33.45
C PRO A 53 24.95 10.46 -32.69
N GLY A 54 24.95 10.30 -31.35
CA GLY A 54 26.05 10.72 -30.47
C GLY A 54 26.31 12.23 -30.49
N CYS A 55 25.24 13.04 -30.50
CA CYS A 55 25.25 14.50 -30.15
C CYS A 55 24.64 14.70 -28.75
N ASP A 56 25.20 15.61 -27.96
CA ASP A 56 24.91 15.77 -26.50
C ASP A 56 24.02 17.00 -26.24
N VAL A 57 23.48 17.64 -27.28
CA VAL A 57 22.76 18.94 -27.15
C VAL A 57 21.36 18.68 -26.58
N THR A 58 21.09 19.28 -25.40
CA THR A 58 19.80 19.21 -24.63
C THR A 58 19.21 20.61 -24.36
N ASP A 59 20.00 21.68 -24.37
CA ASP A 59 19.46 23.07 -24.30
C ASP A 59 18.44 23.29 -25.43
N VAL A 60 17.25 23.78 -25.09
CA VAL A 60 16.11 23.94 -26.05
C VAL A 60 16.29 25.23 -26.88
N THR A 61 17.08 26.20 -26.39
CA THR A 61 17.41 27.44 -27.13
C THR A 61 18.41 27.16 -28.26
N GLN A 62 18.92 25.91 -28.36
CA GLN A 62 19.94 25.50 -29.38
C GLN A 62 19.42 24.27 -30.09
N LEU A 63 18.12 24.15 -30.35
CA LEU A 63 17.54 22.94 -30.99
C LEU A 63 16.42 23.30 -31.98
N TYR A 64 16.16 22.40 -32.94
CA TYR A 64 15.25 22.61 -34.11
C TYR A 64 14.57 21.28 -34.50
N LEU A 65 13.25 21.35 -34.70
CA LEU A 65 12.43 20.30 -35.36
C LEU A 65 12.73 20.30 -36.87
N GLY A 66 13.33 19.23 -37.37
CA GLY A 66 13.65 19.01 -38.79
C GLY A 66 13.11 17.67 -39.27
N GLY A 67 12.07 17.69 -40.11
CA GLY A 67 11.18 16.53 -40.32
C GLY A 67 10.24 16.39 -39.14
N MET A 68 10.37 15.31 -38.36
CA MET A 68 9.62 15.11 -37.09
C MET A 68 10.58 14.82 -35.92
N SER A 69 11.89 15.04 -36.10
CA SER A 69 13.01 14.71 -35.16
C SER A 69 13.81 15.98 -34.77
N TYR A 70 14.20 16.09 -33.50
CA TYR A 70 14.82 17.30 -32.89
C TYR A 70 16.33 17.25 -33.14
N TYR A 71 16.91 18.38 -33.57
CA TYR A 71 18.35 18.51 -33.91
C TYR A 71 18.89 19.84 -33.37
N CYS A 72 20.19 19.89 -33.07
CA CYS A 72 20.93 21.14 -32.80
C CYS A 72 21.30 21.78 -34.14
N LYS A 73 21.91 22.97 -34.09
CA LYS A 73 22.35 23.76 -35.28
C LYS A 73 23.08 22.82 -36.23
N SER A 74 24.15 22.19 -35.74
CA SER A 74 25.04 21.26 -36.47
C SER A 74 24.21 20.28 -37.31
N HIS A 75 23.47 19.40 -36.66
CA HIS A 75 22.89 18.20 -37.33
C HIS A 75 21.58 18.55 -38.06
N LYS A 76 21.04 19.76 -37.93
CA LYS A 76 19.65 20.00 -38.39
C LYS A 76 19.62 19.79 -39.90
N PRO A 77 18.49 19.31 -40.47
CA PRO A 77 18.29 19.28 -41.92
C PRO A 77 18.04 20.65 -42.57
N PRO A 78 18.00 20.72 -43.93
CA PRO A 78 17.88 22.01 -44.60
C PRO A 78 16.65 22.72 -44.01
N ILE A 79 15.52 22.03 -44.08
CA ILE A 79 14.17 22.53 -43.67
C ILE A 79 13.99 22.15 -42.20
N SER A 80 14.01 23.15 -41.31
CA SER A 80 13.70 23.07 -39.86
C SER A 80 13.13 24.41 -39.39
N PHE A 81 12.61 24.45 -38.16
CA PHE A 81 12.36 25.69 -37.38
C PHE A 81 12.83 25.49 -35.94
N PRO A 82 13.42 26.51 -35.27
CA PRO A 82 13.94 26.35 -33.92
C PRO A 82 12.79 26.07 -32.95
N LEU A 83 13.03 25.25 -31.92
CA LEU A 83 11.97 24.76 -30.99
C LEU A 83 11.48 25.90 -30.10
N CYS A 84 12.22 27.01 -30.09
CA CYS A 84 12.27 27.98 -28.97
C CYS A 84 12.43 29.40 -29.53
N ALA A 85 11.34 30.04 -29.95
CA ALA A 85 11.35 31.44 -30.48
C ALA A 85 9.92 32.01 -30.50
N ASN A 86 9.81 33.34 -30.56
CA ASN A 86 8.52 34.10 -30.54
C ASN A 86 7.95 34.14 -29.11
N GLY A 87 8.82 34.23 -28.10
CA GLY A 87 8.45 34.26 -26.66
C GLY A 87 7.75 32.98 -26.19
N GLN A 88 8.01 31.88 -26.91
CA GLN A 88 7.27 30.60 -26.81
C GLN A 88 8.17 29.43 -27.20
N VAL A 89 7.99 28.30 -26.52
CA VAL A 89 8.63 27.00 -26.84
C VAL A 89 7.58 26.12 -27.54
N PHE A 90 8.01 25.33 -28.52
CA PHE A 90 7.10 24.60 -29.43
C PHE A 90 6.52 23.37 -28.73
N GLY A 91 5.22 23.13 -28.94
CA GLY A 91 4.46 21.91 -28.57
C GLY A 91 2.99 22.10 -28.85
N LEU A 92 2.14 21.10 -28.53
CA LEU A 92 0.67 21.12 -28.83
C LEU A 92 0.04 22.37 -28.18
N TYR A 93 -1.17 22.72 -28.61
CA TYR A 93 -2.07 23.71 -27.94
C TYR A 93 -1.42 25.10 -27.89
N LYS A 94 -0.69 25.47 -28.96
CA LYS A 94 0.12 26.71 -29.11
C LYS A 94 -0.77 27.97 -29.18
N ASN A 95 -2.04 27.81 -29.54
CA ASN A 95 -3.02 28.91 -29.80
C ASN A 95 -3.85 29.18 -28.53
N THR A 96 -3.85 28.23 -27.56
CA THR A 96 -4.36 28.38 -26.17
C THR A 96 -3.18 28.32 -25.18
N CYS A 97 -2.82 29.49 -24.60
CA CYS A 97 -1.53 29.75 -23.94
C CYS A 97 -1.48 31.23 -23.55
N VAL A 98 -1.72 31.54 -22.26
CA VAL A 98 -1.99 32.91 -21.73
C VAL A 98 -0.68 33.59 -21.28
N GLY A 99 0.12 32.92 -20.44
CA GLY A 99 1.34 33.47 -19.82
C GLY A 99 1.08 33.91 -18.40
N SER A 100 2.02 34.63 -17.77
CA SER A 100 1.86 35.32 -16.47
C SER A 100 2.68 36.62 -16.44
N ASP A 101 2.15 37.70 -15.83
CA ASP A 101 2.89 38.98 -15.64
C ASP A 101 4.29 38.67 -15.09
N ASN A 102 4.39 37.96 -13.95
CA ASN A 102 5.65 37.46 -13.34
C ASN A 102 5.66 35.91 -13.37
N VAL A 103 6.87 35.36 -13.34
CA VAL A 103 7.21 33.91 -13.23
C VAL A 103 8.27 33.78 -12.14
N THR A 104 8.48 34.87 -11.40
CA THR A 104 9.65 35.09 -10.51
C THR A 104 9.60 34.08 -9.38
N ASP A 105 8.42 33.96 -8.76
CA ASP A 105 8.07 33.00 -7.68
C ASP A 105 8.27 31.56 -8.16
N PHE A 106 7.99 31.26 -9.41
CA PHE A 106 8.05 29.86 -9.89
C PHE A 106 9.51 29.46 -10.11
N ASN A 107 10.33 30.41 -10.59
CA ASN A 107 11.77 30.19 -10.85
C ASN A 107 12.44 29.95 -9.49
N ALA A 108 12.20 30.85 -8.54
CA ALA A 108 12.71 30.78 -7.16
C ALA A 108 12.40 29.39 -6.59
N ILE A 109 11.18 28.89 -6.79
CA ILE A 109 10.72 27.61 -6.19
C ILE A 109 11.38 26.48 -6.97
N ALA A 110 11.45 26.60 -8.29
CA ALA A 110 11.98 25.55 -9.16
C ALA A 110 13.48 25.36 -8.90
N THR A 111 14.16 26.38 -8.35
CA THR A 111 15.65 26.48 -8.29
C THR A 111 16.21 26.49 -6.86
N CYS A 112 15.47 26.98 -5.87
CA CYS A 112 15.98 27.10 -4.47
C CYS A 112 16.42 25.72 -3.98
N ASP A 113 17.46 25.66 -3.15
CA ASP A 113 18.00 24.44 -2.50
C ASP A 113 17.32 24.17 -1.13
N TRP A 114 16.36 24.99 -0.70
CA TRP A 114 15.52 24.78 0.52
C TRP A 114 16.34 24.87 1.81
N THR A 115 17.50 25.55 1.83
CA THR A 115 18.38 25.67 3.03
C THR A 115 18.06 26.99 3.76
N ASN A 116 17.63 28.02 3.04
CA ASN A 116 17.21 29.34 3.60
C ASN A 116 15.74 29.28 4.02
N ALA A 117 15.36 29.93 5.11
CA ALA A 117 13.95 29.99 5.55
C ALA A 117 13.12 30.71 4.48
N GLY A 118 13.67 31.75 3.85
CA GLY A 118 12.95 32.60 2.87
C GLY A 118 12.35 31.75 1.77
N ASP A 119 12.89 30.55 1.56
CA ASP A 119 12.37 29.60 0.56
C ASP A 119 10.96 29.19 1.00
N TYR A 120 10.82 28.71 2.24
CA TYR A 120 9.59 28.14 2.86
C TYR A 120 8.57 29.26 3.05
N ILE A 121 9.07 30.48 3.23
CA ILE A 121 8.20 31.68 3.35
C ILE A 121 7.49 31.86 2.01
N LEU A 122 8.21 31.64 0.91
CA LEU A 122 7.64 31.79 -0.45
C LEU A 122 6.59 30.69 -0.68
N ALA A 123 6.92 29.46 -0.29
CA ALA A 123 6.12 28.25 -0.56
C ALA A 123 4.77 28.36 0.13
N ASN A 124 4.62 29.40 0.96
CA ASN A 124 3.48 29.56 1.89
C ASN A 124 2.81 30.94 1.70
N THR A 125 3.36 31.79 0.84
CA THR A 125 2.74 33.10 0.48
C THR A 125 2.50 33.15 -1.03
N CYS A 126 2.96 32.16 -1.79
CA CYS A 126 2.80 32.16 -3.27
C CYS A 126 1.35 31.79 -3.62
N THR A 127 1.02 31.73 -4.90
CA THR A 127 -0.32 31.33 -5.37
C THR A 127 -0.50 29.88 -4.96
N GLU A 128 -1.75 29.44 -4.79
CA GLU A 128 -2.09 28.14 -4.18
C GLU A 128 -1.55 27.02 -5.08
N ARG A 129 -1.64 27.19 -6.40
CA ARG A 129 -1.08 26.18 -7.34
C ARG A 129 0.44 26.06 -7.10
N LEU A 130 1.09 27.17 -6.80
CA LEU A 130 2.56 27.21 -6.57
C LEU A 130 2.89 26.68 -5.17
N LYS A 131 1.94 26.74 -4.23
CA LYS A 131 2.06 26.07 -2.91
C LYS A 131 2.12 24.56 -3.12
N LEU A 132 1.37 24.01 -4.08
CA LEU A 132 1.39 22.54 -4.36
C LEU A 132 2.71 22.18 -5.04
N PHE A 133 3.10 22.91 -6.08
CA PHE A 133 4.36 22.64 -6.79
C PHE A 133 5.52 22.66 -5.78
N ALA A 134 5.56 23.65 -4.85
CA ALA A 134 6.65 23.82 -3.87
C ALA A 134 6.66 22.63 -2.92
N ALA A 135 5.49 22.30 -2.39
CA ALA A 135 5.26 21.18 -1.47
C ALA A 135 5.92 19.92 -2.06
N GLU A 136 5.66 19.61 -3.33
CA GLU A 136 6.24 18.44 -4.05
C GLU A 136 7.76 18.61 -4.20
N THR A 137 8.19 19.74 -4.78
CA THR A 137 9.60 20.06 -5.11
C THR A 137 10.45 19.96 -3.85
N LEU A 138 9.93 20.44 -2.71
CA LEU A 138 10.59 20.36 -1.40
C LEU A 138 10.61 18.90 -0.94
N LYS A 139 9.50 18.20 -1.04
CA LYS A 139 9.42 16.85 -0.45
C LYS A 139 10.30 15.90 -1.25
N ALA A 140 10.34 16.09 -2.56
CA ALA A 140 11.19 15.28 -3.46
C ALA A 140 12.65 15.65 -3.19
N THR A 141 12.94 16.92 -2.87
CA THR A 141 14.32 17.36 -2.55
C THR A 141 14.73 16.69 -1.25
N GLU A 142 13.79 16.62 -0.31
CA GLU A 142 14.00 16.03 1.03
C GLU A 142 14.32 14.55 0.88
N GLU A 143 13.57 13.80 0.05
CA GLU A 143 13.74 12.34 -0.16
C GLU A 143 15.02 12.03 -0.94
N THR A 144 15.45 12.95 -1.82
CA THR A 144 16.67 12.86 -2.67
C THR A 144 17.90 12.98 -1.77
N PHE A 145 17.85 13.95 -0.84
CA PHE A 145 18.96 14.27 0.08
C PHE A 145 19.26 13.07 1.00
N LYS A 146 18.24 12.28 1.33
CA LYS A 146 18.39 11.08 2.19
C LYS A 146 19.20 10.00 1.45
N LEU A 147 19.30 10.08 0.12
CA LEU A 147 20.14 9.17 -0.72
C LEU A 147 21.60 9.60 -0.64
N SER A 148 21.90 10.91 -0.54
CA SER A 148 23.29 11.45 -0.49
C SER A 148 24.07 10.81 0.68
N TYR A 149 23.35 10.38 1.74
CA TYR A 149 23.95 9.78 2.94
C TYR A 149 24.45 8.38 2.59
N GLY A 150 25.65 8.05 3.09
CA GLY A 150 26.23 6.72 2.94
C GLY A 150 25.42 5.68 3.70
N ILE A 151 25.68 4.42 3.36
CA ILE A 151 25.10 3.20 3.99
C ILE A 151 25.84 3.02 5.31
N ALA A 152 25.11 2.65 6.37
CA ALA A 152 25.72 2.09 7.59
C ALA A 152 25.63 0.56 7.52
N THR A 153 26.66 -0.14 7.98
CA THR A 153 26.74 -1.62 7.95
C THR A 153 27.27 -2.10 9.31
N VAL A 154 26.61 -3.12 9.88
CA VAL A 154 27.04 -3.81 11.13
C VAL A 154 28.40 -4.47 10.87
N ARG A 155 29.43 -4.07 11.62
CA ARG A 155 30.81 -4.60 11.52
C ARG A 155 31.08 -5.58 12.68
N GLU A 156 30.24 -5.56 13.74
CA GLU A 156 30.42 -6.38 14.96
C GLU A 156 29.14 -6.26 15.78
N VAL A 157 28.86 -7.20 16.69
CA VAL A 157 27.72 -7.09 17.67
C VAL A 157 28.28 -7.11 19.09
N LEU A 158 28.76 -5.97 19.58
CA LEU A 158 29.35 -5.82 20.95
C LEU A 158 28.41 -6.38 22.02
N SER A 159 27.09 -6.25 21.83
CA SER A 159 26.06 -6.61 22.82
C SER A 159 24.68 -6.65 22.15
N ASP A 160 23.63 -6.71 22.98
CA ASP A 160 22.23 -6.40 22.62
C ASP A 160 22.02 -4.90 22.87
N ARG A 161 21.24 -4.23 22.03
CA ARG A 161 20.96 -2.76 22.11
C ARG A 161 22.19 -1.92 21.70
N GLU A 162 23.37 -2.51 21.48
CA GLU A 162 24.62 -1.75 21.12
C GLU A 162 25.44 -2.46 20.03
N LEU A 163 26.01 -1.68 19.10
CA LEU A 163 26.58 -2.14 17.80
C LEU A 163 27.86 -1.39 17.42
N HIS A 164 28.65 -1.99 16.52
CA HIS A 164 29.78 -1.35 15.80
C HIS A 164 29.39 -1.19 14.33
N LEU A 165 29.19 0.05 13.88
CA LEU A 165 28.81 0.37 12.48
C LEU A 165 30.06 0.76 11.68
N SER A 166 30.11 0.33 10.42
CA SER A 166 31.11 0.72 9.39
C SER A 166 30.37 1.50 8.30
N TRP A 167 30.91 2.65 7.82
CA TRP A 167 30.17 3.60 6.94
C TRP A 167 30.80 3.66 5.54
N GLU A 168 29.95 3.68 4.53
CA GLU A 168 30.30 3.82 3.09
C GLU A 168 31.20 5.05 2.93
N VAL A 169 32.28 4.93 2.14
CA VAL A 169 33.33 5.98 1.90
C VAL A 169 32.85 6.94 0.81
N GLY A 170 33.32 8.19 0.86
CA GLY A 170 32.98 9.22 -0.14
C GLY A 170 31.52 9.62 -0.09
N LYS A 171 30.92 9.61 1.10
CA LYS A 171 29.53 10.09 1.31
C LYS A 171 29.36 10.58 2.75
N PRO A 172 28.54 11.61 3.01
CA PRO A 172 28.27 12.05 4.38
C PRO A 172 27.51 10.99 5.18
N ARG A 173 27.58 11.08 6.51
CA ARG A 173 26.79 10.24 7.47
C ARG A 173 25.70 11.09 8.11
N PRO A 174 24.44 10.60 8.19
CA PRO A 174 23.36 11.36 8.81
C PRO A 174 23.54 11.56 10.32
N PRO A 175 22.89 12.59 10.91
CA PRO A 175 22.75 12.70 12.36
C PRO A 175 22.09 11.44 12.95
N LEU A 176 22.55 11.02 14.14
CA LEU A 176 22.04 9.82 14.85
C LEU A 176 21.14 10.26 16.00
N ASN A 177 20.06 10.99 15.70
CA ASN A 177 18.94 11.25 16.64
C ASN A 177 17.65 10.72 15.99
N ARG A 178 16.56 10.69 16.77
CA ARG A 178 15.30 9.97 16.42
C ARG A 178 14.55 10.70 15.29
N ASN A 179 15.07 11.85 14.83
CA ASN A 179 14.60 12.53 13.58
C ASN A 179 15.15 11.78 12.36
N TYR A 180 16.06 10.82 12.55
CA TYR A 180 16.65 10.01 11.46
C TYR A 180 16.36 8.52 11.75
N VAL A 181 15.24 8.03 11.19
CA VAL A 181 14.77 6.61 11.27
C VAL A 181 15.32 5.84 10.09
N PHE A 182 16.10 4.78 10.36
CA PHE A 182 16.78 3.92 9.37
C PHE A 182 15.84 2.78 8.99
N THR A 183 16.21 2.02 7.97
CA THR A 183 15.63 0.69 7.68
C THR A 183 16.77 -0.29 7.55
N GLY A 184 16.62 -1.47 8.15
CA GLY A 184 17.65 -2.53 8.11
C GLY A 184 17.49 -3.39 6.87
N TYR A 185 18.49 -4.24 6.59
CA TYR A 185 18.50 -5.17 5.44
C TYR A 185 19.39 -6.37 5.78
N ARG A 186 19.04 -7.56 5.26
CA ARG A 186 19.85 -8.82 5.39
C ARG A 186 20.26 -9.29 3.97
N VAL A 187 21.49 -9.84 3.86
CA VAL A 187 22.29 -10.07 2.61
C VAL A 187 21.90 -11.41 1.96
N THR A 188 20.88 -11.42 1.08
CA THR A 188 20.27 -12.65 0.49
C THR A 188 21.01 -13.06 -0.79
N LYS A 189 20.82 -14.33 -1.20
CA LYS A 189 21.53 -15.01 -2.31
C LYS A 189 21.75 -14.02 -3.47
N ASN A 190 20.70 -13.34 -3.93
CA ASN A 190 20.72 -12.48 -5.14
C ASN A 190 19.98 -11.15 -4.91
N SER A 191 19.53 -10.86 -3.68
CA SER A 191 18.97 -9.53 -3.28
C SER A 191 18.91 -9.40 -1.75
N LYS A 192 17.97 -8.62 -1.19
CA LYS A 192 17.94 -8.13 0.22
C LYS A 192 16.49 -8.06 0.72
N VAL A 193 16.22 -8.36 2.00
CA VAL A 193 14.84 -8.25 2.58
C VAL A 193 14.85 -7.34 3.83
N GLN A 194 13.80 -6.51 3.99
CA GLN A 194 13.62 -5.57 5.14
C GLN A 194 13.69 -6.38 6.44
N ILE A 195 14.15 -5.72 7.50
CA ILE A 195 14.37 -6.32 8.85
C ILE A 195 14.03 -5.24 9.89
N GLY A 196 12.97 -4.47 9.63
CA GLY A 196 12.42 -3.43 10.53
C GLY A 196 13.02 -2.07 10.27
N GLU A 197 12.40 -1.02 10.83
CA GLU A 197 12.95 0.37 10.87
C GLU A 197 13.71 0.52 12.19
N TYR A 198 14.77 1.32 12.22
CA TYR A 198 15.65 1.54 13.42
C TYR A 198 16.01 3.02 13.55
N THR A 199 16.43 3.40 14.75
CA THR A 199 17.13 4.67 15.06
C THR A 199 18.40 4.35 15.85
N PHE A 200 19.36 5.26 15.81
CA PHE A 200 20.69 5.07 16.44
C PHE A 200 21.02 6.32 17.25
N GLU A 201 21.92 6.16 18.22
CA GLU A 201 22.40 7.21 19.16
C GLU A 201 23.82 6.83 19.59
N LYS A 202 24.75 7.79 19.65
CA LYS A 202 26.18 7.57 20.03
C LYS A 202 26.27 6.72 21.30
N GLY A 203 27.33 5.91 21.42
CA GLY A 203 27.65 5.08 22.61
C GLY A 203 28.76 5.69 23.44
N ALA A 208 31.14 2.61 18.76
CA ALA A 208 29.90 1.93 19.22
C ALA A 208 28.68 2.85 19.04
N VAL A 209 27.49 2.27 18.79
CA VAL A 209 26.20 3.03 18.65
C VAL A 209 25.07 2.31 19.41
N VAL A 210 24.13 3.08 19.95
CA VAL A 210 22.89 2.61 20.65
C VAL A 210 21.77 2.58 19.60
N TYR A 211 21.14 1.43 19.38
CA TYR A 211 20.06 1.24 18.38
C TYR A 211 18.75 0.89 19.07
N ARG A 212 17.66 1.58 18.74
CA ARG A 212 16.28 1.30 19.23
C ARG A 212 15.41 0.90 18.04
N GLY A 213 15.30 -0.41 17.76
CA GLY A 213 14.62 -0.94 16.57
C GLY A 213 13.11 -1.07 16.77
N THR A 214 12.34 -1.06 15.66
CA THR A 214 10.87 -1.36 15.60
C THR A 214 10.66 -2.72 16.28
N THR A 215 10.99 -3.79 15.56
CA THR A 215 10.93 -5.19 16.08
C THR A 215 12.22 -5.47 16.88
N THR A 216 12.33 -6.65 17.50
CA THR A 216 13.61 -7.23 18.03
C THR A 216 14.17 -8.22 17.01
N TYR A 217 15.43 -8.65 17.18
CA TYR A 217 16.12 -9.66 16.32
C TYR A 217 17.40 -10.12 17.02
N LYS A 218 18.13 -11.03 16.34
CA LYS A 218 19.56 -11.32 16.58
C LYS A 218 20.33 -10.81 15.35
N LEU A 219 20.17 -9.53 15.01
CA LEU A 219 20.83 -8.94 13.81
C LEU A 219 22.34 -9.09 13.97
N ASN A 220 23.01 -9.46 12.88
CA ASN A 220 24.43 -9.89 12.86
C ASN A 220 25.18 -9.11 11.80
N VAL A 221 26.52 -9.19 11.82
CA VAL A 221 27.45 -8.57 10.85
C VAL A 221 26.88 -8.69 9.42
N GLY A 222 27.20 -7.72 8.55
CA GLY A 222 26.76 -7.71 7.14
C GLY A 222 25.43 -7.00 6.97
N ASP A 223 24.53 -7.12 7.95
CA ASP A 223 23.25 -6.36 8.01
C ASP A 223 23.57 -4.86 7.94
N TYR A 224 22.87 -4.11 7.09
CA TYR A 224 23.18 -2.70 6.80
C TYR A 224 21.90 -1.87 6.96
N PHE A 225 21.99 -0.56 6.75
CA PHE A 225 20.94 0.41 7.13
C PHE A 225 20.91 1.63 6.22
N VAL A 226 19.72 2.03 5.81
CA VAL A 226 19.51 3.24 4.96
C VAL A 226 18.20 3.89 5.40
N LEU A 227 18.16 5.22 5.40
CA LEU A 227 16.93 6.02 5.60
C LEU A 227 16.09 5.79 4.36
N THR A 228 15.11 4.88 4.43
CA THR A 228 14.22 4.49 3.30
C THR A 228 13.42 5.73 2.89
N SER A 229 13.45 6.05 1.59
CA SER A 229 12.77 7.20 0.96
C SER A 229 11.57 6.68 0.13
N HIS A 230 10.50 7.48 0.04
CA HIS A 230 9.26 7.07 -0.66
C HIS A 230 8.91 8.10 -1.74
N THR A 231 8.45 7.58 -2.89
CA THR A 231 8.04 8.36 -4.09
C THR A 231 7.01 9.40 -3.63
N VAL A 232 7.24 10.65 -4.03
CA VAL A 232 6.36 11.82 -3.80
C VAL A 232 5.42 11.91 -5.00
N MET A 233 4.15 11.56 -4.79
CA MET A 233 3.10 11.63 -5.84
C MET A 233 2.82 13.09 -6.15
N PRO A 234 2.37 13.42 -7.38
CA PRO A 234 2.04 14.80 -7.72
C PRO A 234 0.78 15.17 -6.93
N LEU A 235 0.59 16.46 -6.66
CA LEU A 235 -0.52 17.02 -5.85
C LEU A 235 -1.56 17.64 -6.80
N SER A 236 -2.85 17.61 -6.42
CA SER A 236 -3.99 18.17 -7.21
C SER A 236 -4.88 19.07 -6.33
N ALA A 237 -5.41 18.55 -5.23
CA ALA A 237 -6.24 19.31 -4.26
C ALA A 237 -5.48 20.48 -3.59
N PRO A 238 -6.12 21.64 -3.32
CA PRO A 238 -5.45 22.73 -2.61
C PRO A 238 -5.18 22.43 -1.13
N THR A 239 -4.36 23.25 -0.45
CA THR A 239 -3.98 23.05 0.97
C THR A 239 -5.19 23.31 1.88
N LEU A 240 -6.01 24.31 1.51
CA LEU A 240 -7.37 24.56 2.08
C LEU A 240 -8.41 24.57 0.95
N VAL A 241 -9.60 24.05 1.24
CA VAL A 241 -10.76 24.19 0.33
C VAL A 241 -11.14 25.67 0.35
N PRO A 242 -11.96 26.17 -0.60
CA PRO A 242 -12.51 27.52 -0.50
C PRO A 242 -13.45 27.59 0.70
N GLN A 243 -13.31 28.62 1.55
CA GLN A 243 -14.07 28.73 2.81
C GLN A 243 -15.50 29.14 2.49
N GLU A 244 -16.45 28.62 3.26
CA GLU A 244 -17.88 29.01 3.20
C GLU A 244 -18.33 29.20 4.64
N HIS A 245 -19.01 30.31 4.94
CA HIS A 245 -19.67 30.62 6.24
C HIS A 245 -21.18 30.47 6.06
N TYR A 246 -21.84 29.79 7.00
CA TYR A 246 -23.28 29.42 6.91
C TYR A 246 -24.06 30.10 8.04
N VAL A 247 -25.37 30.16 7.85
CA VAL A 247 -26.30 30.98 8.67
C VAL A 247 -27.05 30.06 9.65
N ARG A 248 -27.10 28.75 9.36
CA ARG A 248 -27.57 27.66 10.27
C ARG A 248 -26.58 26.50 10.19
N ILE A 249 -26.53 25.63 11.20
CA ILE A 249 -25.70 24.37 11.14
C ILE A 249 -26.15 23.59 9.92
N THR A 250 -25.22 23.17 9.06
CA THR A 250 -25.46 22.44 7.79
C THR A 250 -25.04 20.97 7.91
N GLY A 251 -25.93 20.05 7.56
CA GLY A 251 -25.56 18.64 7.29
C GLY A 251 -25.33 17.84 8.56
N LEU A 252 -25.47 18.47 9.72
CA LEU A 252 -25.28 17.84 11.04
C LEU A 252 -26.54 18.08 11.88
N TYR A 253 -26.87 17.10 12.74
CA TYR A 253 -28.06 17.11 13.64
C TYR A 253 -27.55 17.07 15.07
N PRO A 254 -27.50 18.22 15.78
CA PRO A 254 -27.03 18.29 17.17
C PRO A 254 -27.88 17.42 18.10
N THR A 255 -27.24 16.84 19.11
CA THR A 255 -27.85 16.03 20.19
C THR A 255 -28.70 16.95 21.04
N LEU A 256 -29.76 16.47 21.67
CA LEU A 256 -30.60 17.32 22.55
C LEU A 256 -30.06 17.25 23.98
N ASN A 257 -29.54 16.08 24.39
CA ASN A 257 -28.96 15.82 25.72
C ASN A 257 -27.46 15.63 25.53
N ILE A 258 -26.64 16.58 25.98
CA ILE A 258 -25.17 16.43 26.07
C ILE A 258 -24.76 16.33 27.54
N SER A 259 -23.61 15.73 27.87
CA SER A 259 -23.10 15.59 29.25
C SER A 259 -22.30 16.84 29.61
N ASP A 260 -22.08 17.12 30.89
CA ASP A 260 -21.42 18.37 31.38
C ASP A 260 -19.92 18.33 31.07
N GLU A 261 -19.42 17.16 30.72
CA GLU A 261 -18.02 16.91 30.29
C GLU A 261 -17.69 17.68 29.01
N PHE A 262 -18.68 17.94 28.14
CA PHE A 262 -18.49 18.57 26.80
C PHE A 262 -19.27 19.87 26.65
N SER A 263 -20.00 20.26 27.69
CA SER A 263 -20.96 21.39 27.67
C SER A 263 -20.24 22.72 27.34
N SER A 264 -18.99 22.85 27.76
CA SER A 264 -18.09 24.00 27.47
C SER A 264 -17.77 24.10 25.97
N ASN A 265 -17.95 23.04 25.18
CA ASN A 265 -17.55 23.04 23.74
C ASN A 265 -18.77 23.13 22.82
N VAL A 266 -19.96 23.25 23.42
CA VAL A 266 -21.26 23.25 22.67
C VAL A 266 -21.30 24.45 21.71
N ALA A 267 -20.91 25.64 22.12
CA ALA A 267 -20.79 26.81 21.21
C ALA A 267 -19.83 26.44 20.07
N ASN A 268 -18.63 25.96 20.39
CA ASN A 268 -17.54 25.80 19.39
C ASN A 268 -17.94 24.74 18.35
N TYR A 269 -18.58 23.66 18.81
CA TYR A 269 -19.12 22.57 17.96
C TYR A 269 -20.20 23.09 17.01
N GLN A 270 -20.87 24.18 17.38
CA GLN A 270 -21.95 24.76 16.55
C GLN A 270 -21.30 25.60 15.45
N LYS A 271 -20.29 26.39 15.83
CA LYS A 271 -19.38 27.11 14.90
C LYS A 271 -18.90 26.14 13.82
N VAL A 272 -18.45 24.94 14.19
CA VAL A 272 -17.93 23.87 13.28
C VAL A 272 -19.02 23.55 12.24
N GLY A 273 -20.29 23.64 12.64
CA GLY A 273 -21.45 23.26 11.79
C GLY A 273 -21.84 24.37 10.83
N MET A 274 -21.27 25.56 11.00
CA MET A 274 -21.64 26.82 10.31
C MET A 274 -20.48 27.38 9.47
N GLN A 275 -19.43 26.59 9.22
CA GLN A 275 -18.35 26.98 8.25
C GLN A 275 -17.71 25.71 7.67
N LYS A 276 -17.17 25.83 6.47
CA LYS A 276 -16.70 24.67 5.68
C LYS A 276 -15.53 24.03 6.44
N TYR A 277 -14.55 24.86 6.82
CA TYR A 277 -13.46 24.46 7.74
C TYR A 277 -13.40 25.50 8.85
N SER A 278 -12.92 25.05 10.00
CA SER A 278 -12.69 25.87 11.21
C SER A 278 -11.39 25.41 11.86
N THR A 279 -10.70 26.32 12.53
CA THR A 279 -9.38 26.14 13.17
C THR A 279 -9.55 26.27 14.68
N LEU A 280 -9.04 25.28 15.41
CA LEU A 280 -9.00 25.24 16.90
C LEU A 280 -7.55 25.23 17.38
N GLN A 281 -7.10 26.32 18.01
CA GLN A 281 -5.85 26.40 18.80
C GLN A 281 -6.10 25.72 20.15
N GLY A 282 -5.38 24.64 20.40
CA GLY A 282 -5.34 24.00 21.73
C GLY A 282 -3.96 24.10 22.34
N PRO A 283 -3.73 25.10 23.22
CA PRO A 283 -2.52 25.13 24.04
C PRO A 283 -2.35 23.86 24.86
N PRO A 284 -1.20 23.65 25.51
CA PRO A 284 -0.96 22.43 26.29
C PRO A 284 -2.07 22.11 27.31
N GLY A 285 -2.60 20.89 27.25
CA GLY A 285 -3.58 20.36 28.22
C GLY A 285 -4.78 21.29 28.34
N THR A 286 -5.24 21.83 27.22
CA THR A 286 -6.54 22.56 27.13
C THR A 286 -7.61 21.61 26.59
N GLY A 287 -7.28 20.39 26.15
CA GLY A 287 -8.28 19.33 25.90
C GLY A 287 -8.70 19.22 24.45
N LYS A 288 -7.73 19.07 23.56
CA LYS A 288 -7.99 19.04 22.11
C LYS A 288 -8.72 17.74 21.81
N SER A 289 -8.19 16.61 22.25
CA SER A 289 -8.75 15.27 21.94
C SER A 289 -10.10 15.14 22.65
N HIS A 290 -10.24 15.76 23.82
CA HIS A 290 -11.54 15.84 24.53
C HIS A 290 -12.52 16.52 23.59
N PHE A 291 -12.11 17.64 22.99
CA PHE A 291 -12.90 18.44 22.00
C PHE A 291 -13.25 17.58 20.78
N ALA A 292 -12.25 16.96 20.16
CA ALA A 292 -12.39 16.12 18.94
C ALA A 292 -13.40 14.99 19.14
N ILE A 293 -13.23 14.20 20.21
CA ILE A 293 -14.12 13.03 20.50
C ILE A 293 -15.50 13.57 20.84
N GLY A 294 -15.58 14.62 21.64
CA GLY A 294 -16.87 15.19 22.08
C GLY A 294 -17.76 15.58 20.90
N LEU A 295 -17.15 16.17 19.87
CA LEU A 295 -17.84 16.63 18.63
C LEU A 295 -18.69 15.49 18.05
N ALA A 296 -18.20 14.25 18.13
CA ALA A 296 -18.91 13.03 17.72
C ALA A 296 -20.23 12.90 18.48
N LEU A 297 -20.17 13.03 19.80
CA LEU A 297 -21.35 12.85 20.71
C LEU A 297 -22.36 13.97 20.46
N TYR A 298 -21.86 15.15 20.09
CA TYR A 298 -22.70 16.32 19.75
C TYR A 298 -23.39 16.09 18.41
N TYR A 299 -22.75 15.44 17.44
CA TYR A 299 -23.36 15.12 16.11
C TYR A 299 -23.47 13.59 15.95
N PRO A 300 -24.27 12.89 16.79
CA PRO A 300 -24.14 11.43 16.95
C PRO A 300 -24.19 10.62 15.65
N SER A 301 -24.94 11.07 14.64
CA SER A 301 -25.12 10.36 13.34
C SER A 301 -24.00 10.71 12.36
N ALA A 302 -23.19 11.73 12.68
CA ALA A 302 -22.19 12.33 11.78
C ALA A 302 -21.07 11.33 11.53
N ARG A 303 -20.74 11.01 10.28
CA ARG A 303 -19.55 10.18 9.95
C ARG A 303 -18.30 11.05 10.04
N ILE A 304 -17.33 10.65 10.86
CA ILE A 304 -16.13 11.47 11.18
C ILE A 304 -14.87 10.64 10.94
N VAL A 305 -13.99 11.14 10.07
CA VAL A 305 -12.65 10.59 9.78
C VAL A 305 -11.63 11.45 10.54
N TYR A 306 -11.07 10.93 11.64
CA TYR A 306 -10.01 11.56 12.48
C TYR A 306 -8.64 11.21 11.90
N THR A 307 -7.82 12.22 11.62
CA THR A 307 -6.51 12.03 10.94
C THR A 307 -5.46 12.89 11.66
N ALA A 308 -4.20 12.46 11.60
CA ALA A 308 -2.99 13.28 11.84
C ALA A 308 -1.82 12.66 11.06
N CYS A 309 -0.66 13.31 11.12
CA CYS A 309 0.50 12.91 10.31
C CYS A 309 1.07 11.65 10.94
N SER A 310 1.20 11.64 12.28
CA SER A 310 1.85 10.56 13.07
C SER A 310 0.84 9.49 13.48
N HIS A 311 1.24 8.22 13.41
CA HIS A 311 0.58 7.15 14.18
C HIS A 311 0.28 7.63 15.62
N ALA A 312 1.28 8.08 16.36
CA ALA A 312 1.11 8.48 17.78
C ALA A 312 -0.15 9.34 17.91
N ALA A 313 -0.22 10.39 17.10
CA ALA A 313 -1.33 11.37 17.15
C ALA A 313 -2.63 10.62 16.90
N VAL A 314 -2.68 9.80 15.85
CA VAL A 314 -3.96 9.12 15.48
C VAL A 314 -4.38 8.20 16.62
N ASP A 315 -3.41 7.52 17.25
CA ASP A 315 -3.59 6.51 18.31
C ASP A 315 -4.18 7.15 19.57
N ALA A 316 -3.67 8.33 19.97
CA ALA A 316 -4.22 9.10 21.10
C ALA A 316 -5.67 9.46 20.79
N LEU A 317 -5.99 9.90 19.56
CA LEU A 317 -7.42 10.12 19.21
C LEU A 317 -8.19 8.82 19.48
N CYS A 318 -7.69 7.67 19.03
CA CYS A 318 -8.31 6.34 19.29
C CYS A 318 -8.42 6.06 20.80
N GLU A 319 -7.38 6.34 21.60
CA GLU A 319 -7.41 6.03 23.05
C GLU A 319 -8.57 6.79 23.72
N LYS A 320 -8.74 8.06 23.39
CA LYS A 320 -9.87 8.86 23.92
C LYS A 320 -11.18 8.34 23.34
N ALA A 321 -11.25 8.05 22.05
CA ALA A 321 -12.46 7.51 21.40
C ALA A 321 -12.94 6.29 22.18
N LEU A 322 -12.00 5.44 22.60
CA LEU A 322 -12.20 4.10 23.26
C LEU A 322 -12.94 4.26 24.59
N LYS A 323 -12.79 5.42 25.23
CA LYS A 323 -13.50 5.78 26.49
C LYS A 323 -15.00 6.08 26.21
N TYR A 324 -15.31 6.82 25.13
CA TYR A 324 -16.59 7.57 24.97
C TYR A 324 -17.47 7.08 23.82
N LEU A 325 -16.92 6.47 22.77
CA LEU A 325 -17.68 6.13 21.54
C LEU A 325 -17.88 4.62 21.44
N PRO A 326 -19.02 4.13 20.87
CA PRO A 326 -19.19 2.70 20.62
C PRO A 326 -17.99 2.16 19.85
N ILE A 327 -17.38 1.08 20.36
CA ILE A 327 -16.20 0.43 19.72
C ILE A 327 -16.67 -0.14 18.39
N ASP A 328 -17.88 -0.70 18.36
CA ASP A 328 -18.46 -1.37 17.16
C ASP A 328 -18.65 -0.33 16.04
N LYS A 329 -18.53 0.98 16.32
CA LYS A 329 -18.73 2.09 15.35
C LYS A 329 -17.38 2.69 14.92
N CYS A 330 -16.26 2.21 15.47
CA CYS A 330 -14.88 2.68 15.15
C CYS A 330 -14.11 1.72 14.23
N SER A 331 -13.10 2.22 13.54
CA SER A 331 -12.14 1.40 12.76
C SER A 331 -10.82 2.18 12.62
N ARG A 332 -9.70 1.51 12.83
CA ARG A 332 -8.34 2.03 12.56
C ARG A 332 -7.90 1.51 11.17
N ILE A 333 -7.57 2.43 10.26
CA ILE A 333 -6.91 2.14 8.95
C ILE A 333 -5.39 1.99 9.18
N ILE A 334 -4.80 0.95 8.57
CA ILE A 334 -3.36 0.56 8.64
C ILE A 334 -2.93 0.05 7.27
N PRO A 335 -1.84 0.60 6.66
CA PRO A 335 -1.30 0.05 5.42
C PRO A 335 -0.44 -1.22 5.61
N ALA A 336 -0.42 -2.08 4.58
CA ALA A 336 0.16 -3.46 4.60
C ALA A 336 1.64 -3.39 4.99
N VAL A 340 5.55 -0.78 12.01
CA VAL A 340 5.34 -0.01 13.27
C VAL A 340 4.02 -0.44 13.92
N GLU A 341 4.01 -0.59 15.24
CA GLU A 341 2.85 -1.12 16.01
C GLU A 341 2.03 0.06 16.55
N CYS A 342 0.82 0.24 16.02
CA CYS A 342 -0.15 1.29 16.43
C CYS A 342 -1.28 0.68 17.27
N PHE A 343 -2.29 1.48 17.64
CA PHE A 343 -3.57 1.05 18.27
C PHE A 343 -4.20 -0.14 17.54
N ASP A 344 -4.69 -1.14 18.29
CA ASP A 344 -5.19 -2.45 17.78
C ASP A 344 -6.42 -2.96 18.56
N LYS A 345 -7.34 -2.06 18.91
CA LYS A 345 -8.61 -2.37 19.62
C LYS A 345 -9.84 -2.05 18.76
N PHE A 346 -9.64 -1.56 17.54
CA PHE A 346 -10.73 -1.30 16.57
C PHE A 346 -10.56 -2.27 15.42
N LYS A 347 -11.65 -2.73 14.79
CA LYS A 347 -11.56 -3.59 13.56
C LYS A 347 -10.68 -2.80 12.57
N VAL A 348 -9.77 -3.48 11.86
CA VAL A 348 -8.69 -2.83 11.05
C VAL A 348 -9.18 -2.61 9.62
N ASN A 349 -8.88 -1.44 9.05
CA ASN A 349 -9.07 -1.12 7.60
C ASN A 349 -10.55 -1.32 7.20
N SER A 350 -11.52 -0.94 8.04
CA SER A 350 -12.97 -0.87 7.69
C SER A 350 -13.35 0.58 7.35
N THR A 351 -13.27 0.94 6.07
CA THR A 351 -13.38 2.34 5.57
C THR A 351 -14.82 2.85 5.70
N LEU A 352 -15.83 1.97 5.71
CA LEU A 352 -17.27 2.38 5.66
C LEU A 352 -17.82 2.62 7.07
N GLU A 353 -17.00 2.33 8.08
CA GLU A 353 -17.27 2.53 9.53
C GLU A 353 -17.54 4.01 9.82
N GLN A 354 -18.32 4.31 10.87
CA GLN A 354 -18.82 5.67 11.21
C GLN A 354 -17.69 6.56 11.70
N TYR A 355 -16.73 6.01 12.43
CA TYR A 355 -15.58 6.77 12.96
C TYR A 355 -14.30 6.10 12.47
N VAL A 356 -13.53 6.80 11.63
CA VAL A 356 -12.34 6.21 10.93
C VAL A 356 -11.09 6.99 11.33
N PHE A 357 -10.17 6.32 12.03
CA PHE A 357 -8.91 6.87 12.58
C PHE A 357 -7.78 6.39 11.69
N CYS A 358 -7.06 7.27 11.02
CA CYS A 358 -6.11 6.92 9.95
C CYS A 358 -5.07 8.03 9.79
N THR A 359 -3.80 7.69 9.58
CA THR A 359 -2.75 8.70 9.28
C THR A 359 -3.12 9.34 7.94
N VAL A 360 -2.54 10.49 7.63
CA VAL A 360 -2.72 11.20 6.32
C VAL A 360 -2.41 10.22 5.19
N ASN A 361 -1.21 9.66 5.16
CA ASN A 361 -0.64 9.04 3.94
C ASN A 361 -1.27 7.66 3.68
N ALA A 362 -2.04 7.12 4.63
CA ALA A 362 -2.80 5.84 4.54
C ALA A 362 -4.30 6.09 4.36
N LEU A 363 -4.72 7.36 4.29
CA LEU A 363 -6.14 7.72 4.07
C LEU A 363 -6.62 6.99 2.83
N PRO A 364 -7.86 6.48 2.85
CA PRO A 364 -8.54 6.07 1.63
C PRO A 364 -9.32 7.22 0.98
N GLU A 365 -9.51 7.15 -0.32
CA GLU A 365 -10.48 8.01 -1.03
C GLU A 365 -11.86 7.67 -0.46
N THR A 366 -12.57 8.67 0.03
CA THR A 366 -13.89 8.51 0.72
C THR A 366 -14.43 9.89 1.09
N THR A 367 -15.72 9.98 1.37
CA THR A 367 -16.40 11.21 1.87
C THR A 367 -16.64 11.04 3.37
N ALA A 368 -17.18 12.06 4.03
CA ALA A 368 -17.45 12.06 5.49
C ALA A 368 -18.22 13.33 5.87
N ASP A 369 -19.02 13.26 6.92
CA ASP A 369 -19.76 14.43 7.46
C ASP A 369 -18.74 15.41 8.04
N ILE A 370 -17.81 14.97 8.89
CA ILE A 370 -16.71 15.83 9.41
C ILE A 370 -15.35 15.16 9.23
N VAL A 371 -14.32 15.94 8.93
CA VAL A 371 -12.90 15.47 9.00
C VAL A 371 -12.19 16.26 10.10
N VAL A 372 -11.56 15.56 11.03
CA VAL A 372 -10.77 16.21 12.10
C VAL A 372 -9.32 15.88 11.78
N PHE A 373 -8.56 16.88 11.41
CA PHE A 373 -7.09 16.82 11.28
C PHE A 373 -6.50 17.35 12.62
N ASP A 374 -5.82 16.49 13.38
CA ASP A 374 -5.21 16.85 14.69
C ASP A 374 -3.71 17.10 14.52
N GLU A 375 -3.13 17.72 15.56
CA GLU A 375 -1.71 18.12 15.72
C GLU A 375 -1.25 18.84 14.45
N ILE A 376 -1.83 20.01 14.17
CA ILE A 376 -1.80 20.64 12.83
C ILE A 376 -0.51 21.45 12.63
N SER A 377 0.25 21.75 13.68
CA SER A 377 1.56 22.48 13.62
C SER A 377 2.61 21.56 12.97
N MET A 378 2.43 20.25 13.15
CA MET A 378 3.31 19.17 12.63
C MET A 378 3.02 18.85 11.16
N ALA A 379 2.00 19.44 10.55
CA ALA A 379 1.62 19.07 9.17
C ALA A 379 2.30 20.04 8.23
N THR A 380 2.71 19.51 7.07
CA THR A 380 3.16 20.29 5.88
C THR A 380 1.96 20.55 4.96
N ASN A 381 2.06 21.57 4.10
CA ASN A 381 1.07 21.83 3.01
C ASN A 381 0.85 20.55 2.20
N TYR A 382 1.90 19.73 2.04
CA TYR A 382 1.85 18.44 1.31
C TYR A 382 0.77 17.57 1.96
N ASP A 383 0.88 17.31 3.26
CA ASP A 383 -0.17 16.61 4.05
C ASP A 383 -1.51 17.33 3.84
N LEU A 384 -1.49 18.66 3.86
CA LEU A 384 -2.74 19.46 3.76
C LEU A 384 -3.43 19.13 2.44
N SER A 385 -2.68 19.03 1.35
CA SER A 385 -3.28 18.76 0.01
C SER A 385 -3.67 17.30 -0.12
N VAL A 386 -2.93 16.38 0.51
CA VAL A 386 -3.33 14.93 0.54
C VAL A 386 -4.70 14.78 1.21
N VAL A 387 -4.97 15.51 2.30
CA VAL A 387 -6.22 15.28 3.06
C VAL A 387 -7.40 15.73 2.18
N ASN A 388 -7.20 16.84 1.46
CA ASN A 388 -8.27 17.45 0.63
C ASN A 388 -8.48 16.51 -0.58
N ALA A 389 -7.40 15.90 -1.08
CA ALA A 389 -7.40 14.97 -2.23
C ALA A 389 -8.16 13.68 -1.89
N ARG A 390 -7.98 13.14 -0.69
CA ARG A 390 -8.45 11.77 -0.32
C ARG A 390 -9.87 11.85 0.30
N LEU A 391 -10.21 12.93 1.01
CA LEU A 391 -11.47 13.09 1.82
C LEU A 391 -12.31 14.28 1.36
N ARG A 392 -13.50 14.04 0.80
CA ARG A 392 -14.47 15.11 0.48
C ARG A 392 -15.48 15.16 1.64
N ALA A 393 -15.45 16.23 2.44
CA ALA A 393 -16.24 16.38 3.68
C ALA A 393 -17.16 17.59 3.56
N LYS A 394 -18.23 17.60 4.35
CA LYS A 394 -19.12 18.78 4.54
C LYS A 394 -18.39 19.80 5.40
N HIS A 395 -17.53 19.33 6.31
CA HIS A 395 -16.89 20.16 7.37
C HIS A 395 -15.50 19.65 7.69
N TYR A 396 -14.51 20.52 7.72
CA TYR A 396 -13.13 20.22 8.14
C TYR A 396 -12.79 21.01 9.40
N VAL A 397 -12.33 20.32 10.44
CA VAL A 397 -11.76 20.96 11.67
C VAL A 397 -10.25 20.66 11.77
N TYR A 398 -9.42 21.71 11.75
CA TYR A 398 -7.96 21.67 11.98
C TYR A 398 -7.65 21.99 13.45
N ILE A 399 -7.24 20.99 14.21
CA ILE A 399 -6.87 21.11 15.65
C ILE A 399 -5.32 21.11 15.82
N GLY A 400 -4.81 21.99 16.66
CA GLY A 400 -3.38 22.06 16.99
C GLY A 400 -3.03 23.36 17.70
N ASP A 401 -1.77 23.75 17.68
CA ASP A 401 -1.29 24.96 18.39
C ASP A 401 -0.05 25.44 17.65
N PRO A 402 -0.15 26.55 16.89
CA PRO A 402 0.97 27.03 16.08
C PRO A 402 2.11 27.60 16.94
N ALA A 403 1.99 27.43 18.26
CA ALA A 403 2.97 27.83 19.29
C ALA A 403 3.80 26.62 19.72
N GLN A 404 3.41 25.43 19.27
CA GLN A 404 4.13 24.15 19.48
C GLN A 404 4.91 23.79 18.21
N LEU A 405 5.55 22.63 18.20
CA LEU A 405 6.65 22.33 17.26
C LEU A 405 6.11 22.01 15.87
N PRO A 406 6.77 22.54 14.83
CA PRO A 406 6.49 22.16 13.45
C PRO A 406 7.13 20.81 13.13
N ALA A 407 6.87 20.28 11.93
CA ALA A 407 7.66 19.21 11.29
C ALA A 407 9.10 19.68 11.18
N PRO A 408 10.11 18.85 11.47
CA PRO A 408 11.48 19.24 11.18
C PRO A 408 11.64 19.44 9.66
N ARG A 409 12.35 20.49 9.27
CA ARG A 409 12.79 20.77 7.88
C ARG A 409 14.29 20.48 7.82
N THR A 410 14.63 19.23 7.44
CA THR A 410 16.00 18.66 7.53
C THR A 410 16.97 19.55 6.79
N LEU A 411 16.51 20.18 5.70
CA LEU A 411 17.35 20.92 4.74
C LEU A 411 17.63 22.32 5.28
N LEU A 412 16.83 22.83 6.22
CA LEU A 412 16.84 24.28 6.58
C LEU A 412 17.99 24.58 7.56
N THR A 413 18.82 25.59 7.27
CA THR A 413 20.01 25.99 8.08
C THR A 413 20.11 27.53 8.23
N LYS A 414 19.83 28.31 7.18
CA LYS A 414 19.84 29.81 7.22
C LYS A 414 18.42 30.36 7.45
N GLY A 415 18.19 31.00 8.60
CA GLY A 415 16.92 31.63 9.01
C GLY A 415 16.15 30.74 9.98
N THR A 416 15.19 31.29 10.73
CA THR A 416 14.23 30.50 11.56
C THR A 416 12.86 30.49 10.87
N LEU A 417 12.09 29.42 11.11
CA LEU A 417 10.75 29.23 10.50
C LEU A 417 9.66 29.70 11.49
N GLU A 418 9.02 30.82 11.18
CA GLU A 418 7.98 31.40 12.06
C GLU A 418 6.69 30.58 11.89
N PRO A 419 5.85 30.48 12.95
CA PRO A 419 4.65 29.65 12.90
C PRO A 419 3.69 29.99 11.75
N GLU A 420 3.63 31.26 11.34
CA GLU A 420 2.73 31.68 10.24
C GLU A 420 3.20 31.04 8.94
N TYR A 421 4.30 30.27 8.96
CA TYR A 421 4.89 29.63 7.76
C TYR A 421 5.03 28.10 7.91
N PHE A 422 4.46 27.48 8.94
CA PHE A 422 4.55 26.00 9.14
C PHE A 422 3.70 25.31 8.10
N ASN A 423 2.49 25.81 7.90
CA ASN A 423 1.62 25.36 6.78
C ASN A 423 0.55 26.43 6.56
N SER A 424 -0.30 26.26 5.54
CA SER A 424 -1.42 27.17 5.18
C SER A 424 -2.34 27.37 6.38
N VAL A 425 -2.54 26.33 7.19
CA VAL A 425 -3.49 26.39 8.34
C VAL A 425 -2.88 27.28 9.42
N CYS A 426 -1.61 27.10 9.75
CA CYS A 426 -0.98 27.92 10.82
C CYS A 426 -0.77 29.34 10.31
N ARG A 427 -0.52 29.53 9.02
CA ARG A 427 -0.55 30.88 8.42
C ARG A 427 -1.86 31.53 8.85
N LEU A 428 -3.00 30.88 8.54
CA LEU A 428 -4.33 31.42 8.89
C LEU A 428 -4.38 31.83 10.37
N MET A 429 -4.05 30.93 11.28
CA MET A 429 -4.30 31.14 12.74
C MET A 429 -3.48 32.34 13.22
N LYS A 430 -2.31 32.55 12.62
CA LYS A 430 -1.38 33.61 13.06
C LYS A 430 -1.72 34.96 12.41
N THR A 431 -2.51 34.98 11.32
CA THR A 431 -2.77 36.21 10.50
C THR A 431 -4.21 36.72 10.66
N ILE A 432 -5.24 35.86 10.80
CA ILE A 432 -6.67 36.26 11.07
C ILE A 432 -7.15 35.66 12.41
N GLY A 433 -6.23 35.08 13.19
CA GLY A 433 -6.52 34.35 14.45
C GLY A 433 -7.14 32.97 14.21
N PRO A 434 -7.26 32.12 15.27
CA PRO A 434 -7.97 30.85 15.14
C PRO A 434 -9.49 30.97 15.36
N ASP A 435 -10.28 30.15 14.67
CA ASP A 435 -11.76 30.20 14.77
C ASP A 435 -12.15 29.90 16.22
N MET A 436 -11.51 28.90 16.82
CA MET A 436 -11.82 28.53 18.24
C MET A 436 -10.53 28.47 19.03
N PHE A 437 -10.63 28.67 20.35
CA PHE A 437 -9.50 28.71 21.29
C PHE A 437 -9.83 27.99 22.61
N LEU A 438 -9.13 26.88 22.90
CA LEU A 438 -9.14 26.27 24.25
C LEU A 438 -8.23 27.09 25.21
N GLY A 439 -8.82 27.86 26.12
CA GLY A 439 -8.12 28.92 26.89
C GLY A 439 -8.00 28.60 28.37
N THR A 440 -8.22 27.36 28.80
CA THR A 440 -7.93 26.95 30.19
C THR A 440 -7.03 25.72 30.19
N CYS A 441 -5.79 25.90 30.65
CA CYS A 441 -4.77 24.86 30.93
C CYS A 441 -5.19 24.13 32.20
N ARG A 442 -5.30 22.81 32.14
CA ARG A 442 -5.71 21.92 33.26
C ARG A 442 -4.50 21.21 33.87
N ARG A 443 -3.35 21.28 33.20
CA ARG A 443 -2.21 20.37 33.46
C ARG A 443 -1.22 21.05 34.39
N CYS A 444 -0.83 22.27 34.07
CA CYS A 444 0.40 22.89 34.58
C CYS A 444 0.12 23.75 35.80
N PRO A 445 1.07 23.87 36.75
CA PRO A 445 1.06 24.96 37.72
C PRO A 445 0.94 26.35 37.07
N ALA A 446 0.50 27.34 37.84
CA ALA A 446 0.14 28.70 37.33
C ALA A 446 1.40 29.42 36.86
N GLU A 447 2.51 29.26 37.57
CA GLU A 447 3.82 29.85 37.20
C GLU A 447 4.14 29.53 35.72
N ILE A 448 3.93 28.29 35.29
CA ILE A 448 4.25 27.79 33.91
C ILE A 448 3.24 28.37 32.92
N VAL A 449 1.96 28.51 33.34
CA VAL A 449 0.85 29.00 32.47
C VAL A 449 1.06 30.50 32.24
N ASP A 450 1.10 31.26 33.33
CA ASP A 450 1.39 32.71 33.34
C ASP A 450 2.55 33.00 32.37
N THR A 451 3.50 32.07 32.26
CA THR A 451 4.77 32.29 31.53
C THR A 451 4.53 32.11 30.04
N VAL A 452 3.80 31.07 29.63
CA VAL A 452 3.57 30.76 28.18
C VAL A 452 2.38 31.59 27.69
N SER A 453 1.46 31.91 28.60
CA SER A 453 0.37 32.88 28.32
C SER A 453 1.02 34.12 27.70
N ALA A 454 1.84 34.83 28.49
CA ALA A 454 2.67 35.99 28.08
C ALA A 454 3.54 35.63 26.87
N LEU A 455 4.26 34.51 26.92
CA LEU A 455 5.35 34.23 25.93
C LEU A 455 4.79 34.08 24.52
N VAL A 456 3.67 33.39 24.35
CA VAL A 456 3.24 32.93 23.00
C VAL A 456 1.71 32.99 22.78
N TYR A 457 0.87 33.28 23.79
CA TYR A 457 -0.61 33.26 23.63
C TYR A 457 -1.27 34.60 23.96
N ASP A 458 -0.54 35.72 24.03
CA ASP A 458 -1.14 37.08 24.25
C ASP A 458 -2.01 37.09 25.53
N ASN A 459 -1.54 36.47 26.60
CA ASN A 459 -2.20 36.63 27.93
C ASN A 459 -3.65 36.21 27.79
N LYS A 460 -3.92 35.25 26.90
CA LYS A 460 -5.27 34.66 26.71
C LYS A 460 -5.28 33.22 27.26
N LEU A 461 -4.19 32.69 27.77
CA LEU A 461 -4.23 31.32 28.35
C LEU A 461 -4.40 31.50 29.84
N LYS A 462 -5.34 30.76 30.44
CA LYS A 462 -5.74 30.88 31.87
C LYS A 462 -5.37 29.58 32.59
N ALA A 463 -4.93 29.64 33.84
CA ALA A 463 -4.51 28.46 34.64
C ALA A 463 -5.73 27.92 35.40
N HIS A 464 -6.11 26.67 35.18
CA HIS A 464 -7.01 25.94 36.11
C HIS A 464 -6.28 25.76 37.45
N LYS A 465 -5.08 25.19 37.47
CA LYS A 465 -4.38 24.93 38.76
C LYS A 465 -4.01 26.26 39.42
N ASP A 466 -3.63 26.19 40.69
CA ASP A 466 -2.94 27.28 41.44
C ASP A 466 -1.43 27.24 41.16
N LYS A 467 -0.67 28.18 41.71
CA LYS A 467 0.80 28.06 41.81
C LYS A 467 1.11 26.76 42.56
N SER A 468 2.14 26.05 42.11
CA SER A 468 2.68 24.82 42.74
C SER A 468 3.71 25.20 43.82
N ALA A 469 4.30 26.38 43.67
CA ALA A 469 5.50 26.81 44.39
C ALA A 469 6.62 25.78 44.17
N GLN A 470 6.66 25.10 43.03
CA GLN A 470 7.69 24.06 42.77
C GLN A 470 8.32 24.29 41.39
N CYS A 471 8.19 25.50 40.86
CA CYS A 471 8.75 25.95 39.56
C CYS A 471 9.98 26.82 39.88
N PHE A 472 11.17 26.32 39.57
CA PHE A 472 12.48 26.96 39.90
C PHE A 472 13.22 27.27 38.61
N LYS A 473 14.09 28.29 38.61
CA LYS A 473 14.96 28.64 37.47
C LYS A 473 16.33 29.09 37.96
N MET A 474 17.39 28.54 37.36
N MET A 474 17.38 28.58 37.31
CA MET A 474 18.78 28.99 37.60
CA MET A 474 18.81 28.90 37.60
C MET A 474 19.37 29.50 36.29
C MET A 474 19.46 29.42 36.31
N PHE A 475 20.20 30.53 36.38
CA PHE A 475 21.01 31.04 35.25
C PHE A 475 22.40 30.44 35.44
N TYR A 476 22.84 29.60 34.52
CA TYR A 476 24.12 28.87 34.64
C TYR A 476 24.60 28.48 33.23
N LYS A 477 25.57 29.21 32.69
CA LYS A 477 26.06 29.01 31.30
C LYS A 477 26.81 27.68 31.22
N GLY A 478 27.61 27.36 32.23
CA GLY A 478 28.29 26.06 32.32
C GLY A 478 29.33 25.92 31.24
N VAL A 479 29.48 24.75 30.64
CA VAL A 479 30.49 24.49 29.56
C VAL A 479 29.83 23.69 28.42
N ILE A 480 30.00 24.16 27.19
CA ILE A 480 29.34 23.55 26.01
C ILE A 480 30.41 22.85 25.19
N THR A 481 30.47 21.52 25.29
CA THR A 481 31.20 20.67 24.32
C THR A 481 30.26 20.41 23.14
N HIS A 482 30.81 20.10 21.96
CA HIS A 482 30.06 19.72 20.73
C HIS A 482 30.56 18.34 20.32
N ASP A 483 29.68 17.45 19.89
CA ASP A 483 30.07 16.26 19.10
C ASP A 483 29.49 16.42 17.68
N VAL A 484 29.62 15.33 16.92
CA VAL A 484 29.38 15.23 15.44
C VAL A 484 28.13 16.01 15.00
N SER A 485 27.05 16.08 15.80
CA SER A 485 25.82 16.80 15.37
C SER A 485 24.87 17.10 16.55
N SER A 486 25.41 17.27 17.76
CA SER A 486 24.63 17.58 19.00
C SER A 486 25.56 18.35 19.95
N ALA A 487 25.01 18.86 21.05
CA ALA A 487 25.70 19.63 22.12
C ALA A 487 25.55 18.92 23.47
N ILE A 488 26.49 19.19 24.37
CA ILE A 488 26.55 18.62 25.76
C ILE A 488 26.97 19.77 26.66
N ASN A 489 26.41 19.79 27.89
CA ASN A 489 26.67 20.81 28.94
C ASN A 489 26.73 20.08 30.29
N ARG A 490 27.82 19.35 30.53
CA ARG A 490 28.02 18.54 31.75
C ARG A 490 27.89 19.39 33.00
N PRO A 491 28.50 20.60 33.08
CA PRO A 491 28.33 21.43 34.26
C PRO A 491 26.84 21.66 34.58
N GLN A 492 25.95 21.85 33.58
CA GLN A 492 24.47 21.96 33.83
C GLN A 492 23.87 20.66 34.42
N ILE A 493 24.28 19.50 33.89
CA ILE A 493 23.95 18.17 34.47
C ILE A 493 24.56 18.09 35.87
N GLY A 494 25.77 18.63 36.06
CA GLY A 494 26.41 18.76 37.38
C GLY A 494 25.47 19.47 38.36
N VAL A 495 25.10 20.70 38.04
CA VAL A 495 24.17 21.54 38.86
C VAL A 495 22.98 20.65 39.29
N VAL A 496 22.46 19.83 38.38
CA VAL A 496 21.20 19.06 38.57
C VAL A 496 21.51 17.87 39.47
N ARG A 497 22.66 17.19 39.28
CA ARG A 497 23.14 16.14 40.22
C ARG A 497 23.06 16.73 41.63
N GLU A 498 23.64 17.91 41.83
CA GLU A 498 23.74 18.56 43.16
C GLU A 498 22.34 18.85 43.70
N PHE A 499 21.45 19.36 42.84
CA PHE A 499 20.05 19.71 43.18
C PHE A 499 19.29 18.47 43.65
N LEU A 500 19.40 17.35 42.93
CA LEU A 500 18.67 16.11 43.28
C LEU A 500 19.08 15.69 44.70
N THR A 501 20.36 15.83 45.09
CA THR A 501 20.84 15.35 46.42
C THR A 501 20.11 16.14 47.52
N ARG A 502 20.06 17.46 47.39
CA ARG A 502 19.35 18.33 48.38
C ARG A 502 17.82 18.19 48.21
N ASN A 503 17.31 17.69 47.07
CA ASN A 503 15.85 17.61 46.75
C ASN A 503 15.50 16.22 46.22
N PRO A 504 15.74 15.16 47.01
CA PRO A 504 15.56 13.79 46.52
C PRO A 504 14.17 13.53 45.94
N ALA A 505 13.15 14.27 46.35
CA ALA A 505 11.77 14.09 45.89
C ALA A 505 11.72 14.09 44.35
N TRP A 506 12.62 14.87 43.74
CA TRP A 506 12.68 15.12 42.27
C TRP A 506 13.36 13.97 41.53
N ARG A 507 13.49 12.81 42.16
CA ARG A 507 14.07 11.62 41.52
C ARG A 507 12.98 10.92 40.73
N LYS A 508 11.75 11.42 40.77
CA LYS A 508 10.63 10.96 39.90
C LYS A 508 10.56 11.75 38.59
N ALA A 509 11.29 12.87 38.47
CA ALA A 509 11.21 13.81 37.33
C ALA A 509 11.75 13.19 36.04
N VAL A 510 11.23 13.65 34.89
CA VAL A 510 11.80 13.39 33.53
C VAL A 510 12.85 14.45 33.23
N PHE A 511 13.94 14.06 32.58
CA PHE A 511 14.98 15.00 32.12
C PHE A 511 14.67 15.46 30.69
N ILE A 512 14.55 16.76 30.45
CA ILE A 512 14.29 17.26 29.07
C ILE A 512 15.38 18.25 28.70
N SER A 513 15.93 18.11 27.49
CA SER A 513 16.93 19.02 26.92
C SER A 513 16.70 19.14 25.42
N PRO A 514 17.17 20.21 24.78
CA PRO A 514 17.05 20.36 23.33
C PRO A 514 18.06 19.57 22.51
N TYR A 515 18.69 18.55 23.08
CA TYR A 515 19.79 17.77 22.43
C TYR A 515 19.82 16.33 22.96
N ASN A 516 20.03 15.39 22.06
CA ASN A 516 19.95 13.94 22.39
C ASN A 516 21.24 13.56 23.10
N SER A 517 22.38 14.16 22.71
CA SER A 517 23.68 13.90 23.39
C SER A 517 23.67 14.46 24.81
N GLN A 518 23.13 15.67 25.02
CA GLN A 518 22.89 16.14 26.41
C GLN A 518 22.07 15.07 27.15
N ASN A 519 21.01 14.57 26.50
CA ASN A 519 20.07 13.61 27.12
C ASN A 519 20.83 12.34 27.51
N ALA A 520 21.81 11.91 26.69
CA ALA A 520 22.50 10.60 26.86
C ALA A 520 23.41 10.64 28.11
N VAL A 521 24.22 11.72 28.19
CA VAL A 521 25.13 12.01 29.33
C VAL A 521 24.26 12.07 30.58
N ALA A 522 23.14 12.81 30.52
CA ALA A 522 22.22 13.04 31.66
C ALA A 522 21.62 11.72 32.16
N SER A 523 21.43 10.71 31.29
CA SER A 523 20.80 9.41 31.66
C SER A 523 21.81 8.61 32.46
N LYS A 524 23.05 8.59 31.98
CA LYS A 524 24.21 7.91 32.60
C LYS A 524 24.41 8.50 34.01
N ILE A 525 24.42 9.82 34.17
CA ILE A 525 24.81 10.52 35.44
C ILE A 525 23.66 10.66 36.43
N LEU A 526 22.43 10.87 35.95
CA LEU A 526 21.26 11.15 36.83
C LEU A 526 20.37 9.90 36.88
N GLY A 527 20.42 9.05 35.86
CA GLY A 527 19.45 7.96 35.66
C GLY A 527 18.01 8.42 35.81
N LEU A 528 17.71 9.65 35.40
CA LEU A 528 16.33 10.09 35.11
C LEU A 528 15.98 9.57 33.73
N PRO A 529 14.67 9.37 33.40
CA PRO A 529 14.25 9.19 32.01
C PRO A 529 14.45 10.51 31.24
N THR A 530 14.82 10.38 29.97
CA THR A 530 15.15 11.53 29.09
C THR A 530 14.12 11.59 27.95
N GLN A 531 13.73 12.80 27.55
CA GLN A 531 13.07 13.15 26.27
C GLN A 531 13.77 14.35 25.70
N THR A 532 13.98 14.42 24.40
CA THR A 532 14.27 15.71 23.72
C THR A 532 12.97 16.50 23.68
N VAL A 533 13.03 17.81 23.50
CA VAL A 533 11.82 18.67 23.61
C VAL A 533 10.83 18.21 22.54
N ASP A 534 11.40 17.87 21.38
CA ASP A 534 10.67 17.42 20.16
C ASP A 534 9.97 16.10 20.49
N SER A 535 10.61 15.19 21.21
CA SER A 535 10.07 13.85 21.53
C SER A 535 9.10 13.92 22.71
N SER A 536 9.02 15.05 23.41
CA SER A 536 8.16 15.21 24.61
C SER A 536 6.77 15.77 24.23
N GLN A 537 6.63 16.40 23.04
CA GLN A 537 5.35 17.04 22.57
C GLN A 537 4.23 15.99 22.62
N GLY A 538 3.19 16.25 23.42
CA GLY A 538 2.07 15.30 23.57
C GLY A 538 2.01 14.66 24.95
N SER A 539 3.16 14.31 25.52
CA SER A 539 3.30 13.65 26.86
C SER A 539 3.31 14.68 27.99
N GLU A 540 2.88 14.26 29.19
CA GLU A 540 2.87 15.07 30.44
C GLU A 540 3.56 14.28 31.54
N TYR A 541 4.30 14.96 32.41
CA TYR A 541 4.98 14.38 33.59
C TYR A 541 4.75 15.31 34.78
N ASP A 542 4.73 14.78 36.01
CA ASP A 542 4.51 15.62 37.22
C ASP A 542 5.66 16.63 37.34
N TYR A 543 6.89 16.11 37.34
CA TYR A 543 8.14 16.89 37.54
C TYR A 543 9.00 16.77 36.29
N VAL A 544 9.64 17.89 35.95
CA VAL A 544 10.43 18.03 34.72
C VAL A 544 11.69 18.79 35.10
N ILE A 545 12.85 18.29 34.70
CA ILE A 545 14.13 19.02 34.88
C ILE A 545 14.69 19.35 33.49
N PHE A 546 14.70 20.63 33.13
CA PHE A 546 15.07 21.09 31.76
C PHE A 546 16.45 21.76 31.83
N THR A 547 17.44 21.25 31.09
CA THR A 547 18.76 21.92 30.89
C THR A 547 18.80 22.47 29.46
N GLN A 548 18.81 23.80 29.30
CA GLN A 548 18.78 24.43 27.96
C GLN A 548 20.00 23.99 27.15
N THR A 549 21.13 23.76 27.82
CA THR A 549 22.40 23.21 27.24
C THR A 549 23.19 24.29 26.49
N THR A 550 22.56 25.10 25.63
CA THR A 550 23.22 26.15 24.82
C THR A 550 22.33 27.40 24.76
N GLU A 551 22.84 28.49 24.18
CA GLU A 551 22.02 29.69 23.82
C GLU A 551 21.89 29.79 22.30
N THR A 552 21.69 28.67 21.60
CA THR A 552 21.46 28.64 20.13
C THR A 552 20.05 29.12 19.78
N ALA A 553 19.82 29.44 18.50
CA ALA A 553 18.48 29.64 17.90
C ALA A 553 17.63 28.37 18.10
N HIS A 554 18.23 27.19 18.06
CA HIS A 554 17.58 25.89 18.40
C HIS A 554 17.15 25.86 19.87
N SER A 555 18.04 26.18 20.79
CA SER A 555 17.76 25.93 22.22
C SER A 555 16.86 27.07 22.74
N CYS A 556 16.79 28.21 22.01
CA CYS A 556 16.04 29.45 22.42
C CYS A 556 14.77 29.67 21.61
N ASN A 557 14.48 28.82 20.63
CA ASN A 557 13.21 28.86 19.86
C ASN A 557 12.04 28.89 20.84
N VAL A 558 11.13 29.86 20.71
CA VAL A 558 10.01 30.09 21.69
C VAL A 558 8.98 28.96 21.59
N ASN A 559 8.86 28.28 20.46
CA ASN A 559 7.91 27.15 20.31
C ASN A 559 8.44 25.94 21.10
N ARG A 560 9.74 25.64 20.98
CA ARG A 560 10.41 24.52 21.71
C ARG A 560 10.39 24.87 23.20
N PHE A 561 10.81 26.07 23.54
CA PHE A 561 10.79 26.50 24.96
C PHE A 561 9.40 26.31 25.54
N ASN A 562 8.35 26.62 24.76
CA ASN A 562 6.90 26.57 25.15
C ASN A 562 6.50 25.12 25.44
N VAL A 563 6.87 24.18 24.55
CA VAL A 563 6.57 22.72 24.72
C VAL A 563 7.38 22.18 25.90
N ALA A 564 8.65 22.60 26.06
CA ALA A 564 9.53 22.04 27.11
C ALA A 564 8.88 22.25 28.49
N ILE A 565 8.46 23.48 28.81
CA ILE A 565 8.07 23.78 30.22
C ILE A 565 6.62 23.37 30.46
N THR A 566 5.82 23.13 29.42
CA THR A 566 4.36 22.80 29.54
C THR A 566 4.16 21.29 29.58
N ARG A 567 5.22 20.52 29.83
CA ARG A 567 5.12 19.06 30.07
C ARG A 567 4.80 18.80 31.56
N ALA A 568 5.02 19.79 32.43
CA ALA A 568 4.98 19.60 33.91
C ALA A 568 3.55 19.79 34.43
N LYS A 569 3.04 18.78 35.16
CA LYS A 569 1.79 18.86 35.97
C LYS A 569 2.03 19.53 37.35
N VAL A 570 3.24 19.49 37.92
CA VAL A 570 3.45 19.92 39.33
C VAL A 570 4.61 20.90 39.44
N GLY A 571 5.80 20.47 39.01
CA GLY A 571 7.07 21.11 39.36
C GLY A 571 8.08 21.02 38.24
N ILE A 572 8.92 22.04 38.11
CA ILE A 572 9.97 22.13 37.05
C ILE A 572 11.19 22.85 37.63
N LEU A 573 12.37 22.33 37.32
CA LEU A 573 13.67 23.03 37.43
C LEU A 573 14.07 23.42 36.01
N CYS A 574 14.29 24.70 35.74
CA CYS A 574 14.88 25.14 34.46
C CYS A 574 16.28 25.71 34.72
N ILE A 575 17.33 24.93 34.40
CA ILE A 575 18.74 25.42 34.30
C ILE A 575 18.86 26.07 32.94
N MET A 576 19.12 27.38 32.87
CA MET A 576 18.95 28.24 31.66
C MET A 576 20.29 28.84 31.23
N SER A 577 20.57 28.86 29.94
CA SER A 577 21.79 29.46 29.35
C SER A 577 21.47 30.89 28.86
N ASP A 578 20.21 31.14 28.59
CA ASP A 578 19.76 32.35 27.86
C ASP A 578 19.15 33.31 28.86
N ARG A 579 19.73 34.50 28.99
CA ARG A 579 19.27 35.55 29.94
C ARG A 579 17.83 35.92 29.57
N ASP A 580 17.56 36.01 28.25
CA ASP A 580 16.28 36.48 27.69
C ASP A 580 15.16 35.61 28.26
N LEU A 581 15.13 34.32 27.93
CA LEU A 581 14.10 33.38 28.45
C LEU A 581 14.23 33.23 29.97
N TYR A 582 15.45 33.13 30.54
CA TYR A 582 15.63 33.10 32.01
C TYR A 582 14.73 34.16 32.62
N ASP A 583 14.80 35.38 32.06
CA ASP A 583 14.19 36.61 32.62
C ASP A 583 12.68 36.54 32.41
N LYS A 584 12.19 35.76 31.44
CA LYS A 584 10.73 35.58 31.09
C LYS A 584 10.10 34.38 31.82
N LEU A 585 10.88 33.60 32.58
CA LEU A 585 10.36 32.53 33.46
C LEU A 585 9.86 33.19 34.76
N GLN A 586 8.54 33.12 35.01
CA GLN A 586 7.87 33.59 36.25
C GLN A 586 8.02 32.46 37.29
N PHE A 587 9.25 32.20 37.68
CA PHE A 587 9.65 31.06 38.54
C PHE A 587 10.52 31.61 39.64
N THR A 588 10.61 30.88 40.73
CA THR A 588 11.49 31.21 41.88
C THR A 588 12.94 31.05 41.39
N SER A 589 13.73 32.12 41.51
CA SER A 589 15.18 32.10 41.20
C SER A 589 15.92 31.33 42.31
N LEU A 590 17.01 30.66 41.93
CA LEU A 590 17.93 29.90 42.83
C LEU A 590 19.36 30.33 42.51
N GLU A 591 20.18 30.64 43.53
CA GLU A 591 21.65 30.87 43.42
C GLU A 591 22.32 29.53 43.05
N ILE A 592 23.63 29.55 42.73
CA ILE A 592 24.46 28.36 42.33
C ILE A 592 25.32 27.91 43.52
N PRO A 593 25.32 26.61 43.91
CA PRO A 593 26.20 26.13 44.97
C PRO A 593 27.69 26.15 44.60
N ALA B 1 -25.64 1.19 8.33
CA ALA B 1 -26.76 0.21 8.17
C ALA B 1 -27.65 0.57 6.97
N VAL B 2 -27.34 1.65 6.24
CA VAL B 2 -28.09 2.07 5.01
C VAL B 2 -27.22 1.78 3.79
N GLY B 3 -27.68 0.88 2.90
CA GLY B 3 -26.97 0.47 1.68
C GLY B 3 -27.90 0.08 0.53
N ALA B 4 -27.29 -0.35 -0.58
CA ALA B 4 -27.96 -0.81 -1.83
C ALA B 4 -28.13 -2.32 -1.76
N CYS B 5 -29.13 -2.86 -2.48
CA CYS B 5 -29.48 -4.31 -2.41
C CYS B 5 -28.67 -5.11 -3.43
N VAL B 6 -27.87 -6.06 -2.96
CA VAL B 6 -26.87 -6.83 -3.76
C VAL B 6 -27.62 -7.79 -4.71
N LEU B 7 -28.83 -7.44 -5.17
CA LEU B 7 -29.64 -8.31 -6.07
C LEU B 7 -30.56 -7.51 -7.01
N CYS B 8 -30.97 -6.28 -6.63
CA CYS B 8 -31.79 -5.37 -7.48
C CYS B 8 -31.30 -3.92 -7.39
N ASN B 9 -30.47 -3.58 -6.39
CA ASN B 9 -29.77 -2.27 -6.27
C ASN B 9 -30.63 -1.29 -5.46
N SER B 10 -31.78 -1.72 -4.93
CA SER B 10 -32.71 -0.89 -4.13
C SER B 10 -32.02 -0.44 -2.83
N GLN B 11 -32.32 0.75 -2.35
CA GLN B 11 -31.88 1.27 -1.01
C GLN B 11 -32.47 0.34 0.05
N THR B 12 -31.72 -0.01 1.12
CA THR B 12 -32.27 -0.79 2.26
C THR B 12 -31.48 -0.56 3.54
N SER B 13 -32.14 -0.80 4.67
CA SER B 13 -31.58 -0.82 6.04
C SER B 13 -31.20 -2.27 6.40
N LEU B 14 -31.59 -3.23 5.57
CA LEU B 14 -31.62 -4.68 5.93
C LEU B 14 -30.41 -5.41 5.34
N ARG B 15 -29.52 -5.91 6.21
CA ARG B 15 -28.50 -6.93 5.86
C ARG B 15 -28.83 -8.27 6.55
N CYS B 16 -28.86 -9.38 5.79
CA CYS B 16 -28.92 -10.77 6.30
C CYS B 16 -27.72 -11.04 7.21
N GLY B 17 -27.96 -11.47 8.46
CA GLY B 17 -26.91 -11.65 9.49
C GLY B 17 -26.34 -13.04 9.44
N ALA B 18 -26.87 -13.85 8.52
CA ALA B 18 -26.69 -15.32 8.42
C ALA B 18 -25.73 -15.63 7.29
N CYS B 19 -25.76 -14.84 6.20
CA CYS B 19 -24.62 -14.75 5.24
C CYS B 19 -23.35 -14.30 5.97
N ILE B 20 -22.19 -14.91 5.63
CA ILE B 20 -20.87 -14.62 6.28
C ILE B 20 -20.46 -13.17 5.98
N ARG B 21 -20.87 -12.61 4.84
CA ARG B 21 -20.53 -11.22 4.41
C ARG B 21 -21.42 -10.17 5.12
N ARG B 22 -22.74 -10.43 5.20
CA ARG B 22 -23.79 -9.51 5.74
C ARG B 22 -24.25 -8.55 4.65
N PRO B 23 -24.65 -9.08 3.49
CA PRO B 23 -25.07 -8.22 2.38
C PRO B 23 -26.35 -7.43 2.68
N PHE B 24 -26.41 -6.19 2.19
CA PHE B 24 -27.63 -5.34 2.12
C PHE B 24 -28.65 -5.98 1.17
N LEU B 25 -29.77 -6.49 1.69
CA LEU B 25 -30.90 -7.07 0.91
C LEU B 25 -32.14 -6.17 1.05
N CYS B 26 -32.75 -5.81 -0.10
CA CYS B 26 -34.04 -5.09 -0.18
C CYS B 26 -35.16 -5.96 0.41
N CYS B 27 -36.21 -5.31 0.90
CA CYS B 27 -37.50 -5.92 1.33
C CYS B 27 -37.90 -7.07 0.40
N LYS B 28 -38.32 -6.80 -0.84
CA LYS B 28 -38.91 -7.81 -1.77
C LYS B 28 -38.04 -9.08 -1.79
N CYS B 29 -36.71 -8.90 -1.75
CA CYS B 29 -35.70 -9.97 -1.96
C CYS B 29 -35.34 -10.66 -0.63
N CYS B 30 -34.97 -9.89 0.42
CA CYS B 30 -34.55 -10.41 1.76
C CYS B 30 -35.59 -11.39 2.31
N TYR B 31 -36.85 -11.24 1.89
CA TYR B 31 -37.94 -12.22 2.14
C TYR B 31 -37.57 -13.57 1.53
N ASP B 32 -37.36 -13.57 0.21
CA ASP B 32 -37.17 -14.78 -0.64
C ASP B 32 -35.81 -15.43 -0.29
N HIS B 33 -34.93 -14.72 0.42
CA HIS B 33 -33.73 -15.29 1.11
C HIS B 33 -34.17 -16.09 2.34
N VAL B 34 -34.89 -15.47 3.29
CA VAL B 34 -35.16 -16.05 4.64
C VAL B 34 -36.31 -17.06 4.56
N ILE B 35 -37.17 -16.99 3.56
CA ILE B 35 -38.20 -18.05 3.43
C ILE B 35 -37.59 -19.34 2.87
N SER B 36 -36.48 -19.27 2.11
CA SER B 36 -35.94 -20.44 1.34
C SER B 36 -34.58 -20.92 1.86
N THR B 37 -34.00 -20.31 2.91
CA THR B 37 -32.74 -20.82 3.52
C THR B 37 -32.87 -20.94 5.04
N SER B 38 -31.98 -21.71 5.67
CA SER B 38 -31.80 -21.77 7.15
C SER B 38 -31.52 -20.36 7.68
N HIS B 39 -31.08 -19.44 6.81
CA HIS B 39 -30.78 -18.03 7.12
C HIS B 39 -32.06 -17.32 7.55
N LYS B 40 -32.17 -16.95 8.82
CA LYS B 40 -33.37 -16.30 9.40
C LYS B 40 -32.99 -14.97 10.06
N LEU B 41 -31.78 -14.84 10.63
CA LEU B 41 -31.33 -13.57 11.26
C LEU B 41 -31.23 -12.45 10.20
N VAL B 42 -31.90 -11.33 10.46
CA VAL B 42 -31.78 -10.04 9.71
C VAL B 42 -31.24 -8.98 10.69
N LEU B 43 -30.55 -7.95 10.16
CA LEU B 43 -30.03 -6.78 10.93
C LEU B 43 -30.47 -5.49 10.22
N SER B 44 -30.42 -4.36 10.93
CA SER B 44 -30.43 -2.97 10.37
C SER B 44 -29.64 -2.05 11.31
N VAL B 45 -30.22 -0.93 11.78
CA VAL B 45 -29.69 -0.12 12.90
C VAL B 45 -29.59 -1.06 14.12
N ASN B 46 -30.64 -1.85 14.33
CA ASN B 46 -30.87 -2.72 15.51
C ASN B 46 -31.29 -4.10 15.02
N PRO B 47 -30.85 -5.18 15.70
CA PRO B 47 -31.23 -6.54 15.28
C PRO B 47 -32.75 -6.70 15.27
N TYR B 48 -33.28 -7.45 14.30
CA TYR B 48 -34.67 -7.96 14.29
C TYR B 48 -34.74 -9.15 15.25
N VAL B 49 -34.79 -8.88 16.55
CA VAL B 49 -34.87 -9.86 17.67
C VAL B 49 -36.00 -9.41 18.63
N CYS B 50 -36.69 -10.38 19.23
CA CYS B 50 -37.79 -10.14 20.21
C CYS B 50 -37.20 -9.31 21.34
N ASN B 51 -37.60 -8.04 21.42
CA ASN B 51 -37.03 -7.04 22.36
C ASN B 51 -37.50 -7.36 23.79
N ALA B 52 -38.37 -8.36 23.95
CA ALA B 52 -38.90 -8.80 25.24
C ALA B 52 -37.75 -9.35 26.06
N PRO B 53 -37.67 -9.07 27.38
CA PRO B 53 -36.61 -9.56 28.25
C PRO B 53 -36.40 -11.08 28.19
N GLY B 54 -35.17 -11.50 27.85
CA GLY B 54 -34.69 -12.89 27.96
C GLY B 54 -35.29 -13.81 26.92
N CYS B 55 -36.04 -13.28 25.97
CA CYS B 55 -36.59 -14.05 24.83
C CYS B 55 -35.46 -14.20 23.82
N ASP B 56 -35.27 -15.39 23.27
CA ASP B 56 -34.12 -15.71 22.37
C ASP B 56 -34.58 -15.88 20.91
N VAL B 57 -35.89 -15.73 20.63
CA VAL B 57 -36.47 -15.80 19.26
C VAL B 57 -35.79 -14.74 18.39
N THR B 58 -34.89 -15.16 17.47
CA THR B 58 -34.17 -14.26 16.50
C THR B 58 -34.78 -14.39 15.10
N ASP B 59 -35.51 -15.46 14.84
CA ASP B 59 -36.01 -15.87 13.49
C ASP B 59 -37.02 -14.83 12.99
N VAL B 60 -36.63 -14.03 12.00
CA VAL B 60 -37.45 -12.94 11.37
C VAL B 60 -38.88 -13.43 11.08
N THR B 61 -39.04 -14.73 10.77
CA THR B 61 -40.33 -15.32 10.32
C THR B 61 -41.28 -15.45 11.52
N GLN B 62 -40.75 -15.53 12.74
CA GLN B 62 -41.56 -15.72 13.97
C GLN B 62 -41.69 -14.39 14.72
N LEU B 63 -41.46 -13.23 14.07
CA LEU B 63 -41.40 -11.90 14.73
C LEU B 63 -42.40 -10.88 14.13
N TYR B 64 -42.58 -9.76 14.84
CA TYR B 64 -43.65 -8.76 14.64
C TYR B 64 -43.18 -7.35 15.03
N LEU B 65 -43.63 -6.35 14.27
CA LEU B 65 -43.57 -4.91 14.62
C LEU B 65 -44.70 -4.59 15.63
N GLY B 66 -44.34 -4.20 16.86
CA GLY B 66 -45.25 -3.77 17.95
C GLY B 66 -44.95 -2.32 18.34
N GLY B 67 -45.57 -1.35 17.64
CA GLY B 67 -45.14 0.05 17.65
C GLY B 67 -43.84 0.26 16.88
N MET B 68 -42.79 0.73 17.56
CA MET B 68 -41.42 0.92 16.99
C MET B 68 -40.61 -0.37 17.13
N SER B 69 -41.02 -1.29 18.01
CA SER B 69 -40.22 -2.44 18.52
C SER B 69 -40.67 -3.79 17.93
N TYR B 70 -39.81 -4.80 17.97
CA TYR B 70 -40.07 -6.13 17.36
C TYR B 70 -40.20 -7.16 18.48
N TYR B 71 -41.21 -8.03 18.36
CA TYR B 71 -41.59 -9.04 19.39
C TYR B 71 -41.91 -10.34 18.67
N CYS B 72 -41.82 -11.49 19.35
CA CYS B 72 -42.24 -12.82 18.84
C CYS B 72 -43.77 -12.99 19.01
N LYS B 73 -44.32 -14.17 18.65
CA LYS B 73 -45.78 -14.42 18.69
C LYS B 73 -46.24 -14.46 20.16
N SER B 74 -45.29 -14.78 21.07
CA SER B 74 -45.46 -14.93 22.57
C SER B 74 -45.40 -13.59 23.33
N HIS B 75 -44.89 -12.49 22.71
CA HIS B 75 -44.65 -11.19 23.39
C HIS B 75 -45.26 -10.02 22.62
N LYS B 76 -45.71 -10.20 21.37
CA LYS B 76 -46.25 -9.09 20.54
C LYS B 76 -47.48 -8.55 21.24
N PRO B 77 -47.78 -7.23 21.13
CA PRO B 77 -49.03 -6.66 21.64
C PRO B 77 -50.14 -6.89 20.62
N PRO B 78 -51.42 -6.58 20.95
CA PRO B 78 -52.54 -6.88 20.05
C PRO B 78 -52.43 -6.23 18.65
N ILE B 79 -52.20 -4.92 18.59
CA ILE B 79 -51.91 -4.20 17.31
C ILE B 79 -50.43 -4.46 16.98
N SER B 80 -50.21 -5.48 16.13
CA SER B 80 -48.90 -5.78 15.50
C SER B 80 -49.09 -6.42 14.13
N PHE B 81 -48.34 -5.94 13.14
CA PHE B 81 -47.94 -6.62 11.88
C PHE B 81 -46.87 -7.68 12.18
N PRO B 82 -46.84 -8.82 11.43
CA PRO B 82 -45.67 -9.70 11.38
C PRO B 82 -44.61 -9.21 10.40
N LEU B 83 -43.32 -9.40 10.71
CA LEU B 83 -42.21 -8.78 9.93
C LEU B 83 -42.15 -9.42 8.53
N CYS B 84 -42.70 -10.63 8.39
CA CYS B 84 -42.82 -11.37 7.10
C CYS B 84 -44.28 -11.40 6.63
N ALA B 85 -44.60 -10.57 5.64
CA ALA B 85 -45.93 -10.47 5.01
C ALA B 85 -45.77 -10.17 3.52
N ASN B 86 -46.75 -10.55 2.70
CA ASN B 86 -46.89 -10.10 1.27
C ASN B 86 -45.54 -10.16 0.56
N GLY B 87 -44.76 -11.22 0.79
CA GLY B 87 -43.48 -11.52 0.12
C GLY B 87 -42.37 -10.51 0.45
N GLN B 88 -42.51 -9.76 1.54
CA GLN B 88 -41.54 -8.70 1.95
C GLN B 88 -41.16 -8.89 3.44
N VAL B 89 -40.04 -8.30 3.85
CA VAL B 89 -39.60 -8.10 5.26
C VAL B 89 -39.64 -6.61 5.54
N PHE B 90 -40.34 -6.17 6.58
CA PHE B 90 -40.48 -4.73 6.92
C PHE B 90 -39.07 -4.12 7.07
N GLY B 91 -38.87 -2.94 6.49
CA GLY B 91 -37.64 -2.13 6.51
C GLY B 91 -37.74 -0.96 5.55
N LEU B 92 -36.90 0.06 5.70
CA LEU B 92 -37.05 1.39 5.05
C LEU B 92 -37.06 1.26 3.52
N TYR B 93 -37.74 2.19 2.85
CA TYR B 93 -37.68 2.51 1.39
C TYR B 93 -38.50 1.50 0.55
N LYS B 94 -39.49 0.82 1.16
CA LYS B 94 -40.17 -0.39 0.63
C LYS B 94 -41.10 -0.04 -0.55
N VAL B 103 -32.49 -14.87 -7.27
CA VAL B 103 -32.31 -15.00 -5.79
C VAL B 103 -32.24 -16.50 -5.41
N THR B 104 -32.97 -17.38 -6.13
CA THR B 104 -32.74 -18.85 -6.15
C THR B 104 -31.23 -19.07 -6.17
N ASP B 105 -30.59 -18.49 -7.19
CA ASP B 105 -29.12 -18.47 -7.40
C ASP B 105 -28.44 -17.81 -6.19
N PHE B 106 -28.79 -16.58 -5.83
CA PHE B 106 -28.24 -15.90 -4.64
C PHE B 106 -28.32 -16.84 -3.42
N ASN B 107 -29.38 -17.64 -3.33
CA ASN B 107 -29.61 -18.48 -2.11
C ASN B 107 -28.53 -19.59 -2.07
N ALA B 108 -28.37 -20.34 -3.16
CA ALA B 108 -27.42 -21.46 -3.29
C ALA B 108 -26.00 -20.96 -3.00
N ILE B 109 -25.65 -19.75 -3.46
CA ILE B 109 -24.32 -19.09 -3.24
C ILE B 109 -24.17 -18.70 -1.75
N ALA B 110 -25.19 -18.07 -1.18
CA ALA B 110 -25.24 -17.64 0.24
C ALA B 110 -24.95 -18.82 1.17
N THR B 111 -25.39 -20.03 0.78
CA THR B 111 -25.57 -21.20 1.69
C THR B 111 -24.49 -22.28 1.44
N CYS B 112 -23.94 -22.39 0.22
CA CYS B 112 -23.00 -23.48 -0.15
C CYS B 112 -21.66 -23.34 0.58
N ASP B 113 -21.03 -24.48 0.87
CA ASP B 113 -19.69 -24.59 1.53
C ASP B 113 -18.54 -24.46 0.52
N TRP B 114 -18.79 -24.50 -0.79
CA TRP B 114 -17.78 -24.30 -1.86
C TRP B 114 -16.87 -25.53 -2.04
N THR B 115 -17.41 -26.73 -1.88
CA THR B 115 -16.67 -28.01 -1.99
C THR B 115 -17.08 -28.71 -3.30
N ASN B 116 -18.15 -28.22 -3.95
CA ASN B 116 -18.77 -28.81 -5.18
C ASN B 116 -18.48 -27.89 -6.37
N ALA B 117 -18.02 -28.44 -7.49
CA ALA B 117 -17.76 -27.68 -8.74
C ALA B 117 -18.98 -26.80 -9.12
N GLY B 118 -20.19 -27.36 -9.00
CA GLY B 118 -21.43 -26.63 -9.23
C GLY B 118 -21.42 -25.28 -8.53
N ASP B 119 -20.86 -25.21 -7.31
CA ASP B 119 -20.74 -23.97 -6.49
C ASP B 119 -20.02 -22.90 -7.32
N TYR B 120 -18.91 -23.28 -7.95
CA TYR B 120 -18.07 -22.41 -8.81
C TYR B 120 -18.82 -22.17 -10.14
N ILE B 121 -19.51 -23.18 -10.64
CA ILE B 121 -20.25 -23.06 -11.93
C ILE B 121 -21.21 -21.89 -11.82
N LEU B 122 -22.05 -21.95 -10.80
CA LEU B 122 -23.13 -20.97 -10.50
C LEU B 122 -22.50 -19.59 -10.24
N ALA B 123 -21.34 -19.55 -9.55
CA ALA B 123 -20.54 -18.34 -9.26
C ALA B 123 -20.06 -17.66 -10.56
N ASN B 124 -20.23 -18.30 -11.71
CA ASN B 124 -19.67 -17.82 -13.02
C ASN B 124 -20.73 -17.79 -14.13
N THR B 125 -21.96 -18.22 -13.88
CA THR B 125 -23.10 -18.17 -14.86
C THR B 125 -24.09 -17.08 -14.47
N CYS B 126 -24.01 -16.58 -13.24
CA CYS B 126 -25.03 -15.71 -12.59
C CYS B 126 -24.92 -14.26 -13.08
N THR B 127 -25.69 -13.34 -12.48
CA THR B 127 -25.61 -11.87 -12.69
C THR B 127 -24.26 -11.34 -12.16
N GLU B 128 -23.86 -10.13 -12.56
CA GLU B 128 -22.50 -9.57 -12.36
C GLU B 128 -22.35 -9.10 -10.90
N ARG B 129 -23.41 -8.62 -10.25
CA ARG B 129 -23.35 -8.20 -8.82
C ARG B 129 -23.26 -9.47 -7.95
N LEU B 130 -23.81 -10.57 -8.45
CA LEU B 130 -23.81 -11.85 -7.71
C LEU B 130 -22.43 -12.50 -7.84
N LYS B 131 -21.80 -12.38 -9.00
CA LYS B 131 -20.41 -12.85 -9.20
C LYS B 131 -19.52 -12.28 -8.09
N LEU B 132 -19.71 -11.00 -7.73
CA LEU B 132 -18.88 -10.29 -6.70
C LEU B 132 -19.19 -10.86 -5.32
N PHE B 133 -20.49 -11.00 -4.98
CA PHE B 133 -20.96 -11.59 -3.69
C PHE B 133 -20.31 -12.96 -3.60
N ALA B 134 -20.58 -13.77 -4.62
CA ALA B 134 -20.06 -15.16 -4.81
C ALA B 134 -18.55 -15.16 -4.57
N ALA B 135 -17.81 -14.30 -5.28
CA ALA B 135 -16.33 -14.17 -5.21
C ALA B 135 -15.89 -13.76 -3.80
N GLU B 136 -16.60 -12.81 -3.20
CA GLU B 136 -16.29 -12.25 -1.86
C GLU B 136 -16.46 -13.37 -0.83
N THR B 137 -17.58 -14.08 -0.92
CA THR B 137 -17.99 -15.18 -0.03
C THR B 137 -16.97 -16.32 -0.10
N LEU B 138 -16.74 -16.85 -1.29
CA LEU B 138 -15.74 -17.90 -1.56
C LEU B 138 -14.46 -17.50 -0.84
N LYS B 139 -14.00 -16.26 -1.07
CA LYS B 139 -12.69 -15.81 -0.53
C LYS B 139 -12.80 -15.80 1.00
N ALA B 140 -13.89 -15.24 1.51
CA ALA B 140 -14.21 -15.23 2.94
C ALA B 140 -14.07 -16.67 3.46
N THR B 141 -14.85 -17.59 2.88
CA THR B 141 -14.95 -19.01 3.30
C THR B 141 -13.57 -19.66 3.22
N GLU B 142 -12.83 -19.40 2.13
CA GLU B 142 -11.48 -19.96 1.88
C GLU B 142 -10.60 -19.62 3.06
N GLU B 143 -10.66 -18.38 3.55
CA GLU B 143 -9.74 -17.83 4.59
C GLU B 143 -10.16 -18.34 5.98
N THR B 144 -11.47 -18.36 6.28
CA THR B 144 -12.00 -18.82 7.59
C THR B 144 -11.77 -20.33 7.74
N PHE B 145 -11.54 -21.05 6.64
CA PHE B 145 -11.20 -22.49 6.70
C PHE B 145 -9.73 -22.68 7.12
N LYS B 146 -8.82 -21.75 6.77
CA LYS B 146 -7.37 -21.85 7.11
C LYS B 146 -7.19 -21.85 8.63
N LEU B 147 -8.04 -21.13 9.36
CA LEU B 147 -8.04 -21.08 10.85
C LEU B 147 -8.25 -22.48 11.43
N SER B 148 -8.68 -23.45 10.60
CA SER B 148 -9.15 -24.80 11.03
C SER B 148 -8.04 -25.85 10.94
N TYR B 149 -6.80 -25.46 10.67
CA TYR B 149 -5.64 -26.39 10.51
C TYR B 149 -4.81 -26.42 11.81
N GLY B 150 -3.79 -27.29 11.85
CA GLY B 150 -2.88 -27.44 13.00
C GLY B 150 -1.69 -26.48 12.91
N ILE B 151 -1.35 -25.84 14.04
CA ILE B 151 -0.12 -25.02 14.23
C ILE B 151 1.04 -26.02 14.38
N ALA B 152 2.14 -25.83 13.64
CA ALA B 152 3.33 -26.70 13.66
C ALA B 152 4.51 -25.96 14.29
N THR B 153 4.95 -26.38 15.48
CA THR B 153 6.14 -25.80 16.16
C THR B 153 7.30 -26.79 15.98
N VAL B 154 8.51 -26.25 15.81
CA VAL B 154 9.77 -26.99 15.46
C VAL B 154 10.26 -27.72 16.72
N ARG B 155 10.06 -29.04 16.78
CA ARG B 155 10.63 -29.91 17.84
C ARG B 155 12.14 -29.64 17.93
N GLU B 156 12.89 -29.83 16.83
CA GLU B 156 14.36 -29.55 16.77
C GLU B 156 14.83 -29.19 15.35
N VAL B 157 15.80 -28.27 15.25
CA VAL B 157 16.53 -27.85 14.01
C VAL B 157 17.51 -28.99 13.66
N LEU B 158 17.69 -29.32 12.36
CA LEU B 158 18.71 -30.28 11.88
C LEU B 158 19.85 -29.54 11.16
N SER B 159 19.51 -28.82 10.10
CA SER B 159 20.46 -28.17 9.17
C SER B 159 20.00 -26.74 8.87
N ASP B 160 20.51 -26.17 7.76
CA ASP B 160 20.17 -24.82 7.24
C ASP B 160 19.12 -24.96 6.13
N ARG B 161 18.56 -26.16 5.93
CA ARG B 161 17.45 -26.40 4.96
C ARG B 161 16.55 -27.57 5.40
N GLU B 162 16.66 -28.09 6.63
CA GLU B 162 15.82 -29.23 7.12
C GLU B 162 15.58 -29.08 8.63
N LEU B 163 14.47 -29.63 9.13
CA LEU B 163 14.11 -29.63 10.58
C LEU B 163 13.07 -30.74 10.85
N HIS B 164 12.71 -30.92 12.13
CA HIS B 164 11.78 -31.96 12.64
C HIS B 164 10.54 -31.30 13.32
N LEU B 165 9.39 -31.31 12.64
CA LEU B 165 8.13 -30.58 13.03
C LEU B 165 7.26 -31.44 13.96
N SER B 166 6.67 -30.82 14.99
CA SER B 166 5.57 -31.36 15.85
C SER B 166 4.26 -30.57 15.62
N TRP B 167 3.15 -31.28 15.37
CA TRP B 167 1.84 -30.79 14.85
C TRP B 167 0.74 -30.83 15.93
N GLU B 168 0.07 -29.70 16.19
CA GLU B 168 -1.00 -29.52 17.22
C GLU B 168 -1.98 -30.70 17.17
N VAL B 169 -2.22 -31.33 18.33
CA VAL B 169 -3.19 -32.46 18.52
C VAL B 169 -4.58 -32.00 18.06
N GLY B 170 -5.33 -32.92 17.43
CA GLY B 170 -6.80 -32.84 17.22
C GLY B 170 -7.23 -31.88 16.11
N LYS B 171 -6.31 -31.48 15.23
CA LYS B 171 -6.59 -30.64 14.03
C LYS B 171 -5.88 -31.27 12.84
N PRO B 172 -6.38 -31.08 11.59
CA PRO B 172 -5.78 -31.71 10.42
C PRO B 172 -4.41 -31.06 10.13
N ARG B 173 -3.58 -31.72 9.31
CA ARG B 173 -2.27 -31.22 8.85
C ARG B 173 -2.42 -30.69 7.42
N PRO B 174 -1.95 -29.45 7.12
CA PRO B 174 -1.93 -28.97 5.73
C PRO B 174 -0.85 -29.65 4.90
N PRO B 175 -1.08 -29.94 3.61
CA PRO B 175 -0.08 -30.62 2.78
C PRO B 175 1.19 -29.77 2.61
N LEU B 176 2.36 -30.39 2.81
CA LEU B 176 3.68 -29.72 2.90
C LEU B 176 4.30 -29.57 1.50
N ASN B 177 3.80 -28.62 0.71
CA ASN B 177 4.27 -28.33 -0.66
C ASN B 177 4.53 -26.82 -0.79
N ARG B 178 4.99 -26.38 -1.97
CA ARG B 178 5.17 -24.96 -2.34
C ARG B 178 3.90 -24.16 -2.03
N ASN B 179 2.73 -24.69 -2.43
CA ASN B 179 1.40 -24.01 -2.45
C ASN B 179 1.10 -23.33 -1.10
N TYR B 180 1.26 -24.07 0.00
CA TYR B 180 0.89 -23.62 1.38
C TYR B 180 2.10 -22.89 2.00
N VAL B 181 1.97 -21.58 2.23
CA VAL B 181 3.02 -20.70 2.86
C VAL B 181 2.57 -20.38 4.29
N PHE B 182 3.44 -20.68 5.28
CA PHE B 182 3.16 -20.52 6.72
C PHE B 182 3.96 -19.33 7.26
N THR B 183 3.33 -18.51 8.10
CA THR B 183 4.00 -17.41 8.86
C THR B 183 4.62 -18.02 10.11
N GLY B 184 5.89 -17.68 10.38
CA GLY B 184 6.67 -18.12 11.56
C GLY B 184 6.75 -17.03 12.60
N TYR B 185 6.71 -17.41 13.88
CA TYR B 185 6.55 -16.51 15.06
C TYR B 185 7.48 -16.96 16.21
N GLN B 194 7.38 -12.31 14.08
CA GLN B 194 6.87 -12.57 12.70
C GLN B 194 8.06 -12.85 11.77
N ILE B 195 8.81 -13.92 12.05
CA ILE B 195 10.17 -14.18 11.48
C ILE B 195 10.06 -14.56 10.00
N GLY B 196 9.23 -13.86 9.22
CA GLY B 196 9.09 -14.04 7.76
C GLY B 196 8.30 -15.28 7.39
N GLU B 197 8.00 -15.43 6.09
CA GLU B 197 7.26 -16.58 5.51
C GLU B 197 8.24 -17.75 5.25
N TYR B 198 7.74 -18.98 5.24
CA TYR B 198 8.50 -20.23 5.05
C TYR B 198 7.64 -21.24 4.28
N THR B 199 8.24 -22.08 3.42
CA THR B 199 7.60 -23.24 2.74
C THR B 199 8.36 -24.54 3.06
N PHE B 200 7.64 -25.68 3.12
CA PHE B 200 8.13 -27.01 3.58
C PHE B 200 8.04 -28.04 2.44
N GLU B 201 8.91 -29.06 2.47
CA GLU B 201 8.82 -30.31 1.65
C GLU B 201 9.28 -31.52 2.48
N LYS B 202 8.69 -32.71 2.23
CA LYS B 202 9.01 -33.97 2.96
C LYS B 202 10.48 -34.36 2.70
N ASP B 207 10.37 -38.10 9.22
CA ASP B 207 9.98 -36.85 9.91
C ASP B 207 10.67 -35.64 9.23
N ALA B 208 11.90 -35.81 8.76
CA ALA B 208 12.79 -34.71 8.29
C ALA B 208 12.14 -33.94 7.14
N VAL B 209 11.79 -32.68 7.41
CA VAL B 209 11.13 -31.74 6.47
C VAL B 209 12.17 -30.74 5.96
N VAL B 210 11.92 -30.19 4.76
CA VAL B 210 12.76 -29.18 4.06
C VAL B 210 12.07 -27.80 4.13
N TYR B 211 12.65 -26.88 4.90
CA TYR B 211 12.09 -25.53 5.22
C TYR B 211 12.75 -24.46 4.34
N ARG B 212 11.96 -23.50 3.84
CA ARG B 212 12.36 -22.54 2.78
C ARG B 212 12.00 -21.09 3.18
N GLY B 213 12.85 -20.47 4.00
CA GLY B 213 12.64 -19.11 4.54
C GLY B 213 12.73 -18.03 3.48
N THR B 214 11.73 -17.15 3.41
CA THR B 214 11.76 -15.88 2.62
C THR B 214 12.75 -14.93 3.29
N THR B 215 12.99 -15.09 4.60
CA THR B 215 14.11 -14.48 5.37
C THR B 215 15.12 -15.58 5.69
N THR B 216 16.41 -15.24 5.82
CA THR B 216 17.46 -16.14 6.39
C THR B 216 17.56 -15.85 7.88
N TYR B 217 17.26 -16.84 8.75
CA TYR B 217 17.16 -16.65 10.21
C TYR B 217 17.45 -17.95 10.96
N LYS B 218 18.42 -17.87 11.90
CA LYS B 218 18.66 -18.85 12.99
C LYS B 218 17.33 -19.05 13.72
N LEU B 219 16.47 -19.91 13.15
CA LEU B 219 15.15 -20.30 13.70
C LEU B 219 15.36 -21.18 14.92
N ASN B 220 14.91 -20.74 16.10
CA ASN B 220 15.11 -21.42 17.40
C ASN B 220 14.31 -22.73 17.43
N VAL B 221 14.29 -23.41 18.58
CA VAL B 221 13.26 -24.41 18.98
C VAL B 221 12.21 -23.66 19.83
N GLY B 222 10.91 -23.92 19.60
CA GLY B 222 9.79 -23.20 20.23
C GLY B 222 9.13 -22.22 19.27
N ASP B 223 9.88 -21.72 18.28
CA ASP B 223 9.35 -20.93 17.15
C ASP B 223 8.31 -21.78 16.43
N TYR B 224 7.13 -21.21 16.15
CA TYR B 224 5.96 -21.92 15.58
C TYR B 224 5.53 -21.27 14.26
N PHE B 225 5.06 -22.11 13.34
CA PHE B 225 4.63 -21.74 11.96
C PHE B 225 3.10 -21.89 11.88
N VAL B 226 2.47 -20.96 11.16
CA VAL B 226 0.98 -20.82 11.05
C VAL B 226 0.66 -20.30 9.64
N LEU B 227 -0.47 -20.71 9.06
CA LEU B 227 -0.94 -20.21 7.74
C LEU B 227 -1.45 -18.77 7.91
N THR B 228 -1.14 -17.91 6.94
CA THR B 228 -1.36 -16.43 6.96
C THR B 228 -2.78 -16.13 6.45
N SER B 229 -3.78 -16.11 7.33
CA SER B 229 -5.20 -15.81 7.00
C SER B 229 -5.38 -14.30 6.82
N HIS B 230 -5.49 -13.82 5.58
CA HIS B 230 -5.62 -12.38 5.21
C HIS B 230 -7.10 -12.01 5.13
N THR B 231 -7.56 -11.06 5.95
CA THR B 231 -8.97 -10.56 5.96
C THR B 231 -9.33 -10.14 4.53
N VAL B 232 -10.53 -10.51 4.11
CA VAL B 232 -11.08 -10.34 2.74
C VAL B 232 -11.77 -8.98 2.65
N MET B 233 -11.10 -7.95 2.14
CA MET B 233 -11.76 -6.67 1.76
C MET B 233 -12.99 -6.97 0.90
N PRO B 234 -14.05 -6.15 1.00
CA PRO B 234 -15.18 -6.24 0.08
C PRO B 234 -14.83 -5.73 -1.31
N LEU B 235 -15.50 -6.28 -2.33
CA LEU B 235 -15.32 -5.88 -3.73
C LEU B 235 -16.33 -4.77 -4.00
N SER B 236 -16.12 -4.02 -5.08
CA SER B 236 -17.00 -2.92 -5.56
C SER B 236 -17.11 -3.02 -7.07
N ALA B 237 -15.97 -2.92 -7.75
CA ALA B 237 -15.85 -2.90 -9.22
C ALA B 237 -16.34 -4.24 -9.78
N PRO B 238 -16.92 -4.29 -11.00
CA PRO B 238 -17.17 -5.57 -11.68
C PRO B 238 -15.91 -6.40 -12.01
N THR B 239 -16.13 -7.67 -12.38
CA THR B 239 -15.09 -8.55 -12.99
C THR B 239 -14.63 -7.86 -14.28
N LEU B 240 -15.59 -7.62 -15.16
CA LEU B 240 -15.45 -6.98 -16.48
C LEU B 240 -16.31 -5.73 -16.51
N VAL B 241 -15.72 -4.55 -16.73
CA VAL B 241 -16.51 -3.33 -17.06
C VAL B 241 -17.39 -3.67 -18.27
N PRO B 242 -18.55 -3.03 -18.46
CA PRO B 242 -19.43 -3.37 -19.58
C PRO B 242 -18.63 -3.12 -20.86
N GLN B 243 -18.98 -3.80 -21.96
CA GLN B 243 -18.23 -3.69 -23.24
C GLN B 243 -18.56 -2.33 -23.86
N GLU B 244 -17.61 -1.75 -24.62
CA GLU B 244 -17.84 -0.60 -25.54
C GLU B 244 -17.10 -0.86 -26.86
N HIS B 245 -17.82 -0.74 -27.99
CA HIS B 245 -17.25 -0.85 -29.36
C HIS B 245 -17.26 0.54 -29.99
N TYR B 246 -16.13 0.97 -30.53
CA TYR B 246 -15.98 2.25 -31.27
C TYR B 246 -15.73 1.91 -32.74
N VAL B 247 -15.82 2.92 -33.59
CA VAL B 247 -15.59 2.85 -35.07
C VAL B 247 -14.16 3.30 -35.33
N ARG B 248 -13.55 3.94 -34.33
CA ARG B 248 -12.22 4.58 -34.40
C ARG B 248 -11.42 4.16 -33.15
N ILE B 249 -10.12 3.88 -33.35
CA ILE B 249 -9.07 3.72 -32.31
C ILE B 249 -9.20 4.87 -31.29
N THR B 250 -9.78 4.60 -30.14
CA THR B 250 -10.14 5.61 -29.11
C THR B 250 -8.97 5.73 -28.11
N GLY B 251 -8.61 6.93 -27.71
CA GLY B 251 -7.71 7.22 -26.57
C GLY B 251 -6.24 6.99 -26.88
N LEU B 252 -5.90 6.52 -28.08
CA LEU B 252 -4.57 5.94 -28.42
C LEU B 252 -4.14 6.41 -29.80
N TYR B 253 -2.83 6.51 -30.03
CA TYR B 253 -2.23 7.15 -31.23
C TYR B 253 -1.26 6.18 -31.89
N PRO B 254 -1.67 5.49 -33.00
CA PRO B 254 -0.81 4.50 -33.65
C PRO B 254 0.46 5.06 -34.34
N THR B 255 1.62 4.38 -34.21
CA THR B 255 2.87 4.59 -35.03
C THR B 255 2.62 4.22 -36.50
N LEU B 256 3.48 4.72 -37.40
CA LEU B 256 3.48 4.43 -38.87
C LEU B 256 4.84 3.85 -39.26
N ASN B 257 5.52 3.27 -38.27
CA ASN B 257 6.96 2.96 -38.33
C ASN B 257 7.20 1.76 -37.41
N ILE B 258 6.30 0.78 -37.44
CA ILE B 258 6.23 -0.36 -36.48
C ILE B 258 7.10 -1.51 -37.00
N SER B 259 8.17 -1.85 -36.27
CA SER B 259 9.17 -2.87 -36.68
C SER B 259 8.43 -4.07 -37.25
N ASP B 260 8.91 -4.61 -38.37
CA ASP B 260 8.32 -5.77 -39.08
C ASP B 260 8.17 -6.95 -38.10
N GLU B 261 8.99 -6.97 -37.05
CA GLU B 261 8.95 -7.96 -35.92
C GLU B 261 7.54 -8.06 -35.32
N PHE B 262 6.73 -6.99 -35.36
CA PHE B 262 5.39 -6.88 -34.74
C PHE B 262 4.32 -6.53 -35.78
N SER B 263 4.60 -6.77 -37.07
CA SER B 263 3.73 -6.50 -38.25
C SER B 263 2.48 -7.39 -38.23
N SER B 264 2.64 -8.65 -37.84
CA SER B 264 1.56 -9.67 -37.89
C SER B 264 0.46 -9.30 -36.89
N ASN B 265 0.77 -8.44 -35.90
CA ASN B 265 -0.13 -8.11 -34.77
C ASN B 265 -0.78 -6.71 -34.94
N VAL B 266 -0.78 -6.11 -36.15
CA VAL B 266 -1.29 -4.71 -36.32
C VAL B 266 -2.81 -4.76 -36.26
N ALA B 267 -3.44 -5.62 -37.08
CA ALA B 267 -4.91 -5.80 -37.15
C ALA B 267 -5.48 -6.01 -35.73
N ASN B 268 -4.79 -6.79 -34.89
CA ASN B 268 -5.21 -7.08 -33.49
C ASN B 268 -4.99 -5.84 -32.60
N TYR B 269 -3.92 -5.10 -32.86
CA TYR B 269 -3.56 -3.88 -32.10
C TYR B 269 -4.61 -2.79 -32.34
N GLN B 270 -5.22 -2.77 -33.53
CA GLN B 270 -6.29 -1.78 -33.90
C GLN B 270 -7.62 -2.22 -33.27
N LYS B 271 -7.84 -3.53 -33.12
CA LYS B 271 -9.02 -4.08 -32.39
C LYS B 271 -8.98 -3.63 -30.93
N VAL B 272 -7.82 -3.75 -30.25
CA VAL B 272 -7.62 -3.37 -28.83
C VAL B 272 -8.15 -1.95 -28.61
N GLY B 273 -7.79 -0.99 -29.49
CA GLY B 273 -8.11 0.45 -29.39
C GLY B 273 -9.50 0.77 -29.89
N MET B 274 -10.15 -0.15 -30.63
CA MET B 274 -11.53 0.01 -31.16
C MET B 274 -12.53 -0.80 -30.34
N GLN B 275 -12.24 -1.03 -29.05
CA GLN B 275 -13.13 -1.69 -28.06
C GLN B 275 -12.72 -1.21 -26.66
N LYS B 276 -13.51 -1.50 -25.63
CA LYS B 276 -13.16 -1.17 -24.23
C LYS B 276 -12.12 -2.23 -23.79
N TYR B 277 -12.58 -3.44 -23.41
CA TYR B 277 -11.73 -4.62 -23.07
C TYR B 277 -11.64 -5.53 -24.31
N SER B 278 -10.52 -6.27 -24.42
CA SER B 278 -10.28 -7.31 -25.47
C SER B 278 -9.77 -8.63 -24.83
N THR B 279 -10.13 -9.78 -25.43
CA THR B 279 -9.73 -11.17 -25.03
C THR B 279 -8.81 -11.79 -26.08
N LEU B 280 -7.55 -12.09 -25.70
CA LEU B 280 -6.59 -12.86 -26.54
C LEU B 280 -6.32 -14.25 -25.93
N GLN B 281 -6.63 -15.29 -26.71
CA GLN B 281 -6.33 -16.72 -26.40
C GLN B 281 -5.10 -17.12 -27.21
N GLY B 282 -4.02 -17.48 -26.51
CA GLY B 282 -2.70 -17.75 -27.11
C GLY B 282 -2.12 -19.05 -26.57
N PRO B 283 -2.34 -20.20 -27.25
CA PRO B 283 -1.73 -21.47 -26.87
C PRO B 283 -0.26 -21.28 -26.60
N PRO B 284 0.40 -22.26 -25.94
CA PRO B 284 1.84 -22.19 -25.71
C PRO B 284 2.69 -21.81 -26.94
N GLY B 285 3.60 -20.86 -26.74
CA GLY B 285 4.65 -20.45 -27.71
C GLY B 285 4.06 -19.74 -28.91
N THR B 286 2.96 -19.00 -28.76
CA THR B 286 2.25 -18.36 -29.90
C THR B 286 2.47 -16.84 -29.89
N GLY B 287 3.27 -16.33 -28.95
CA GLY B 287 3.64 -14.91 -28.88
C GLY B 287 2.61 -14.06 -28.13
N LYS B 288 2.15 -14.51 -26.97
CA LYS B 288 1.38 -13.65 -26.03
C LYS B 288 2.32 -12.52 -25.60
N SER B 289 3.39 -12.85 -24.88
CA SER B 289 4.45 -11.91 -24.41
C SER B 289 4.75 -10.92 -25.54
N HIS B 290 5.08 -11.43 -26.73
CA HIS B 290 5.38 -10.63 -27.95
C HIS B 290 4.28 -9.59 -28.12
N PHE B 291 3.03 -10.03 -28.17
CA PHE B 291 1.83 -9.20 -28.43
C PHE B 291 1.65 -8.11 -27.35
N ALA B 292 1.75 -8.47 -26.08
CA ALA B 292 1.60 -7.53 -24.94
C ALA B 292 2.61 -6.39 -25.12
N ILE B 293 3.90 -6.71 -25.24
CA ILE B 293 5.03 -5.74 -25.35
C ILE B 293 4.91 -5.02 -26.71
N GLY B 294 4.49 -5.72 -27.75
CA GLY B 294 4.28 -5.11 -29.08
C GLY B 294 3.21 -4.06 -29.05
N LEU B 295 2.36 -4.06 -28.04
CA LEU B 295 1.25 -3.09 -27.94
C LEU B 295 1.85 -1.72 -27.60
N ALA B 296 2.82 -1.70 -26.70
CA ALA B 296 3.56 -0.49 -26.24
C ALA B 296 4.26 0.19 -27.43
N LEU B 297 4.78 -0.62 -28.38
CA LEU B 297 5.55 -0.15 -29.56
C LEU B 297 4.61 0.38 -30.66
N TYR B 298 3.34 -0.02 -30.70
CA TYR B 298 2.37 0.43 -31.72
C TYR B 298 1.67 1.69 -31.24
N TYR B 299 1.47 1.79 -29.93
CA TYR B 299 0.86 2.95 -29.22
C TYR B 299 1.91 3.55 -28.31
N PRO B 300 2.97 4.17 -28.89
CA PRO B 300 4.23 4.37 -28.19
C PRO B 300 4.27 5.47 -27.10
N SER B 301 3.25 6.33 -27.04
CA SER B 301 3.11 7.43 -26.04
C SER B 301 2.25 6.96 -24.86
N ALA B 302 1.35 5.99 -25.09
CA ALA B 302 0.39 5.45 -24.10
C ALA B 302 1.13 4.94 -22.84
N ARG B 303 0.53 5.17 -21.67
CA ARG B 303 0.95 4.56 -20.39
C ARG B 303 0.26 3.19 -20.26
N ILE B 304 1.05 2.16 -19.91
CA ILE B 304 0.58 0.75 -19.85
C ILE B 304 0.97 0.17 -18.49
N VAL B 305 -0.03 -0.39 -17.82
CA VAL B 305 0.18 -1.24 -16.62
C VAL B 305 0.12 -2.69 -17.08
N TYR B 306 1.16 -3.44 -16.74
CA TYR B 306 1.29 -4.89 -17.00
C TYR B 306 1.03 -5.61 -15.67
N THR B 307 -0.12 -6.29 -15.56
CA THR B 307 -0.55 -7.02 -14.34
C THR B 307 -0.77 -8.51 -14.66
N ALA B 308 -0.64 -9.35 -13.62
CA ALA B 308 -0.88 -10.80 -13.58
C ALA B 308 -0.94 -11.22 -12.10
N CYS B 309 -1.59 -12.33 -11.77
CA CYS B 309 -1.78 -12.77 -10.36
C CYS B 309 -0.44 -13.09 -9.69
N SER B 310 0.56 -13.65 -10.40
CA SER B 310 1.83 -14.19 -9.81
C SER B 310 3.04 -13.32 -10.17
N HIS B 311 4.13 -13.41 -9.40
CA HIS B 311 5.38 -12.61 -9.62
C HIS B 311 6.08 -13.10 -10.88
N ALA B 312 6.05 -14.41 -11.14
CA ALA B 312 6.70 -15.03 -12.32
C ALA B 312 6.06 -14.49 -13.61
N ALA B 313 4.74 -14.29 -13.65
CA ALA B 313 4.02 -13.87 -14.86
C ALA B 313 4.44 -12.46 -15.24
N VAL B 314 4.68 -11.62 -14.21
CA VAL B 314 4.99 -10.16 -14.32
C VAL B 314 6.48 -10.00 -14.60
N ASP B 315 7.33 -10.74 -13.89
CA ASP B 315 8.78 -10.92 -14.19
C ASP B 315 8.98 -11.32 -15.67
N ALA B 316 8.08 -12.15 -16.22
CA ALA B 316 8.12 -12.59 -17.64
C ALA B 316 7.84 -11.42 -18.59
N LEU B 317 6.84 -10.58 -18.29
CA LEU B 317 6.49 -9.43 -19.16
C LEU B 317 7.61 -8.37 -19.09
N CYS B 318 8.36 -8.35 -17.97
CA CYS B 318 9.49 -7.42 -17.66
C CYS B 318 10.71 -7.82 -18.48
N GLU B 319 11.06 -9.11 -18.46
CA GLU B 319 12.08 -9.73 -19.35
C GLU B 319 11.79 -9.29 -20.79
N LYS B 320 10.56 -9.52 -21.26
CA LYS B 320 10.13 -9.15 -22.63
C LYS B 320 10.31 -7.64 -22.80
N ALA B 321 9.77 -6.81 -21.89
CA ALA B 321 9.89 -5.34 -21.94
C ALA B 321 11.37 -4.90 -22.03
N LEU B 322 12.24 -5.46 -21.17
CA LEU B 322 13.69 -5.14 -21.11
C LEU B 322 14.31 -5.16 -22.52
N LYS B 323 13.89 -6.10 -23.37
CA LYS B 323 14.43 -6.31 -24.74
C LYS B 323 13.84 -5.28 -25.72
N TYR B 324 12.66 -4.71 -25.47
CA TYR B 324 11.94 -3.91 -26.50
C TYR B 324 11.62 -2.49 -26.05
N LEU B 325 11.54 -2.20 -24.75
CA LEU B 325 11.01 -0.90 -24.24
C LEU B 325 12.08 -0.19 -23.40
N PRO B 326 12.28 1.14 -23.56
CA PRO B 326 13.32 1.87 -22.82
C PRO B 326 13.27 1.70 -21.29
N ILE B 327 14.33 1.10 -20.72
CA ILE B 327 14.53 0.77 -19.28
C ILE B 327 14.16 1.96 -18.37
N ASP B 328 14.35 3.19 -18.83
CA ASP B 328 14.10 4.41 -18.01
C ASP B 328 12.61 4.47 -17.68
N LYS B 329 11.73 4.11 -18.64
CA LYS B 329 10.27 4.37 -18.55
C LYS B 329 9.53 3.14 -17.99
N CYS B 330 10.26 2.15 -17.49
CA CYS B 330 9.68 0.95 -16.83
C CYS B 330 9.80 1.07 -15.32
N SER B 331 8.87 0.49 -14.56
CA SER B 331 9.00 0.30 -13.10
C SER B 331 8.35 -1.02 -12.65
N ARG B 332 9.11 -1.82 -11.91
CA ARG B 332 8.66 -3.07 -11.23
C ARG B 332 8.16 -2.70 -9.82
N ILE B 333 6.84 -2.81 -9.57
CA ILE B 333 6.16 -2.46 -8.28
C ILE B 333 6.22 -3.68 -7.35
N ILE B 334 6.90 -3.57 -6.21
CA ILE B 334 7.10 -4.70 -5.25
C ILE B 334 6.47 -4.30 -3.92
N PRO B 335 5.54 -5.10 -3.35
CA PRO B 335 4.91 -4.78 -2.07
C PRO B 335 5.97 -4.65 -0.97
N ALA B 336 5.80 -3.64 -0.10
CA ALA B 336 6.76 -3.22 0.96
C ALA B 336 7.17 -4.44 1.82
N ARG B 337 6.31 -5.47 1.89
CA ARG B 337 6.59 -6.81 2.48
C ARG B 337 6.90 -7.80 1.34
N ALA B 338 8.05 -7.62 0.68
CA ALA B 338 8.54 -8.45 -0.45
C ALA B 338 8.66 -9.92 0.01
N ARG B 339 8.08 -10.84 -0.77
CA ARG B 339 7.88 -12.28 -0.41
C ARG B 339 8.67 -13.22 -1.32
N VAL B 340 9.24 -12.70 -2.42
CA VAL B 340 10.05 -13.45 -3.43
C VAL B 340 11.01 -12.48 -4.11
N GLU B 341 12.09 -13.00 -4.69
CA GLU B 341 13.01 -12.25 -5.59
C GLU B 341 12.23 -11.94 -6.88
N CYS B 342 12.19 -10.67 -7.29
CA CYS B 342 11.54 -10.18 -8.53
C CYS B 342 12.54 -9.46 -9.43
N PHE B 343 12.11 -9.16 -10.64
CA PHE B 343 12.84 -8.32 -11.62
C PHE B 343 13.54 -7.15 -10.90
N ASP B 344 14.88 -7.19 -10.84
CA ASP B 344 15.78 -6.15 -10.26
C ASP B 344 16.18 -5.11 -11.32
N LYS B 345 16.01 -5.38 -12.63
CA LYS B 345 16.62 -4.56 -13.74
C LYS B 345 15.81 -3.29 -14.05
N PHE B 346 14.77 -2.95 -13.29
CA PHE B 346 14.03 -1.67 -13.47
C PHE B 346 14.10 -0.84 -12.20
N LYS B 347 13.79 0.47 -12.30
CA LYS B 347 13.52 1.33 -11.12
C LYS B 347 12.36 0.66 -10.37
N VAL B 348 12.50 0.50 -9.05
CA VAL B 348 11.48 -0.19 -8.19
C VAL B 348 10.52 0.84 -7.57
N ASN B 349 9.21 0.58 -7.65
CA ASN B 349 8.11 1.28 -6.92
C ASN B 349 7.89 2.71 -7.46
N SER B 350 8.28 2.98 -8.71
CA SER B 350 8.07 4.30 -9.36
C SER B 350 6.72 4.27 -10.09
N THR B 351 5.63 4.14 -9.33
CA THR B 351 4.21 4.11 -9.75
C THR B 351 3.92 4.95 -11.01
N LEU B 352 4.75 5.96 -11.33
CA LEU B 352 4.36 7.00 -12.31
C LEU B 352 5.13 6.87 -13.64
N GLU B 353 5.95 5.82 -13.79
CA GLU B 353 6.66 5.52 -15.07
C GLU B 353 5.63 5.11 -16.13
N GLN B 354 5.88 5.44 -17.41
CA GLN B 354 4.98 5.11 -18.56
C GLN B 354 4.60 3.61 -18.54
N TYR B 355 5.54 2.77 -18.09
CA TYR B 355 5.39 1.29 -17.97
C TYR B 355 5.55 0.93 -16.49
N VAL B 356 4.56 0.19 -15.99
CA VAL B 356 4.47 -0.32 -14.60
C VAL B 356 4.14 -1.82 -14.69
N PHE B 357 4.84 -2.63 -13.91
CA PHE B 357 4.79 -4.11 -13.95
C PHE B 357 4.45 -4.58 -12.54
N CYS B 358 3.19 -4.90 -12.27
CA CYS B 358 2.72 -5.17 -10.89
C CYS B 358 1.82 -6.41 -10.78
N THR B 359 2.01 -7.18 -9.69
CA THR B 359 1.10 -8.26 -9.23
C THR B 359 -0.21 -7.65 -8.75
N VAL B 360 -1.34 -8.29 -9.09
CA VAL B 360 -2.72 -7.81 -8.78
C VAL B 360 -2.80 -7.37 -7.31
N ASN B 361 -2.18 -8.09 -6.38
CA ASN B 361 -2.41 -7.89 -4.91
C ASN B 361 -1.51 -6.76 -4.39
N ALA B 362 -0.73 -6.10 -5.27
CA ALA B 362 0.14 -4.95 -4.93
C ALA B 362 -0.21 -3.73 -5.82
N LEU B 363 -1.22 -3.87 -6.68
CA LEU B 363 -1.57 -2.80 -7.65
C LEU B 363 -1.81 -1.51 -6.88
N PRO B 364 -1.22 -0.39 -7.32
CA PRO B 364 -1.69 0.92 -6.90
C PRO B 364 -3.04 1.26 -7.53
N GLU B 365 -3.78 2.08 -6.80
CA GLU B 365 -4.85 2.93 -7.35
C GLU B 365 -4.20 3.93 -8.30
N THR B 366 -4.34 3.73 -9.61
CA THR B 366 -3.84 4.67 -10.67
C THR B 366 -4.78 4.67 -11.88
N THR B 367 -4.34 5.25 -12.99
CA THR B 367 -5.10 5.32 -14.27
C THR B 367 -4.13 4.99 -15.40
N ALA B 368 -4.67 4.62 -16.57
CA ALA B 368 -3.85 4.13 -17.71
C ALA B 368 -4.63 4.13 -19.03
N ASP B 369 -3.92 4.29 -20.13
CA ASP B 369 -4.47 4.21 -21.51
C ASP B 369 -4.78 2.74 -21.78
N ILE B 370 -3.83 1.87 -21.46
CA ILE B 370 -3.93 0.39 -21.63
C ILE B 370 -3.49 -0.29 -20.32
N VAL B 371 -4.35 -1.16 -19.79
CA VAL B 371 -3.99 -2.26 -18.84
C VAL B 371 -3.92 -3.57 -19.64
N VAL B 372 -2.84 -4.33 -19.47
CA VAL B 372 -2.73 -5.73 -19.98
C VAL B 372 -2.69 -6.65 -18.78
N PHE B 373 -3.68 -7.55 -18.71
CA PHE B 373 -3.78 -8.61 -17.68
C PHE B 373 -3.42 -9.95 -18.34
N ASP B 374 -2.26 -10.49 -17.97
CA ASP B 374 -1.68 -11.75 -18.51
C ASP B 374 -2.06 -12.93 -17.61
N GLU B 375 -1.76 -14.15 -18.10
CA GLU B 375 -1.95 -15.48 -17.43
C GLU B 375 -3.37 -15.60 -16.91
N ILE B 376 -4.35 -15.17 -17.73
CA ILE B 376 -5.76 -14.88 -17.31
C ILE B 376 -6.44 -16.17 -16.85
N SER B 377 -5.95 -17.33 -17.25
CA SER B 377 -6.55 -18.61 -16.82
C SER B 377 -6.42 -18.72 -15.28
N MET B 378 -5.36 -18.15 -14.69
CA MET B 378 -5.08 -18.24 -13.23
C MET B 378 -5.80 -17.11 -12.46
N ALA B 379 -6.55 -16.25 -13.14
CA ALA B 379 -7.39 -15.21 -12.51
C ALA B 379 -8.61 -15.87 -11.86
N THR B 380 -8.90 -15.51 -10.60
CA THR B 380 -10.25 -15.67 -9.96
C THR B 380 -11.06 -14.43 -10.35
N ASN B 381 -12.38 -14.46 -10.17
CA ASN B 381 -13.23 -13.25 -10.33
C ASN B 381 -12.83 -12.19 -9.25
N TYR B 382 -12.41 -12.61 -8.06
CA TYR B 382 -11.91 -11.68 -7.01
C TYR B 382 -10.80 -10.82 -7.62
N ASP B 383 -9.85 -11.45 -8.31
CA ASP B 383 -8.69 -10.80 -8.96
C ASP B 383 -9.24 -9.83 -10.03
N LEU B 384 -10.07 -10.31 -10.95
CA LEU B 384 -10.69 -9.50 -12.04
C LEU B 384 -11.33 -8.21 -11.48
N SER B 385 -12.06 -8.32 -10.37
CA SER B 385 -12.66 -7.17 -9.66
C SER B 385 -11.56 -6.21 -9.21
N VAL B 386 -10.63 -6.67 -8.37
CA VAL B 386 -9.58 -5.80 -7.76
C VAL B 386 -9.01 -4.92 -8.87
N VAL B 387 -8.60 -5.52 -9.98
CA VAL B 387 -7.93 -4.82 -11.12
C VAL B 387 -8.82 -3.62 -11.53
N ASN B 388 -10.11 -3.86 -11.84
CA ASN B 388 -11.09 -2.82 -12.24
C ASN B 388 -11.20 -1.74 -11.13
N ALA B 389 -11.18 -2.17 -9.87
CA ALA B 389 -11.24 -1.31 -8.67
C ALA B 389 -10.05 -0.35 -8.64
N ARG B 390 -8.85 -0.86 -8.94
CA ARG B 390 -7.57 -0.13 -8.71
C ARG B 390 -7.04 0.53 -10.00
N LEU B 391 -7.54 0.15 -11.18
CA LEU B 391 -7.08 0.70 -12.48
C LEU B 391 -8.27 1.24 -13.28
N ARG B 392 -8.23 2.56 -13.54
CA ARG B 392 -9.10 3.28 -14.50
C ARG B 392 -8.29 3.39 -15.81
N ALA B 393 -8.76 2.71 -16.86
CA ALA B 393 -8.04 2.58 -18.15
C ALA B 393 -8.98 2.68 -19.37
N LYS B 394 -8.45 3.22 -20.48
CA LYS B 394 -9.20 3.46 -21.74
C LYS B 394 -9.55 2.11 -22.38
N HIS B 395 -8.56 1.20 -22.40
CA HIS B 395 -8.62 -0.17 -22.96
C HIS B 395 -7.95 -1.19 -22.03
N TYR B 396 -8.72 -2.18 -21.59
CA TYR B 396 -8.28 -3.37 -20.80
C TYR B 396 -7.99 -4.52 -21.77
N VAL B 397 -6.89 -5.25 -21.56
CA VAL B 397 -6.53 -6.42 -22.40
C VAL B 397 -6.21 -7.64 -21.53
N TYR B 398 -6.94 -8.71 -21.82
CA TYR B 398 -6.92 -10.03 -21.15
C TYR B 398 -6.24 -11.05 -22.06
N ILE B 399 -5.09 -11.55 -21.60
CA ILE B 399 -4.22 -12.49 -22.34
C ILE B 399 -4.03 -13.78 -21.52
N GLY B 400 -4.32 -14.93 -22.14
CA GLY B 400 -4.00 -16.25 -21.58
C GLY B 400 -4.62 -17.33 -22.43
N ASP B 401 -4.83 -18.51 -21.84
CA ASP B 401 -5.37 -19.71 -22.51
C ASP B 401 -6.25 -20.47 -21.51
N PRO B 402 -7.54 -20.68 -21.82
CA PRO B 402 -8.40 -21.49 -20.95
C PRO B 402 -8.11 -23.00 -21.05
N ALA B 403 -7.19 -23.40 -21.94
CA ALA B 403 -6.71 -24.79 -22.09
C ALA B 403 -5.48 -25.01 -21.19
N GLN B 404 -5.01 -23.95 -20.55
CA GLN B 404 -3.95 -24.01 -19.52
C GLN B 404 -4.61 -23.96 -18.15
N LEU B 405 -3.78 -24.01 -17.12
CA LEU B 405 -4.22 -24.32 -15.74
C LEU B 405 -4.90 -23.11 -15.10
N PRO B 406 -5.93 -23.38 -14.27
CA PRO B 406 -6.51 -22.36 -13.38
C PRO B 406 -5.84 -22.25 -12.00
N ALA B 407 -6.22 -21.21 -11.25
CA ALA B 407 -5.92 -21.04 -9.82
C ALA B 407 -6.49 -22.22 -9.05
N PRO B 408 -5.75 -22.83 -8.11
CA PRO B 408 -6.27 -23.96 -7.35
C PRO B 408 -7.38 -23.45 -6.43
N ARG B 409 -8.53 -24.15 -6.38
CA ARG B 409 -9.68 -23.89 -5.47
C ARG B 409 -9.52 -24.81 -4.26
N THR B 410 -8.67 -24.41 -3.31
CA THR B 410 -8.39 -25.18 -2.07
C THR B 410 -9.67 -25.89 -1.60
N LEU B 411 -10.80 -25.18 -1.50
CA LEU B 411 -12.04 -25.76 -0.90
C LEU B 411 -12.75 -26.76 -1.83
N LEU B 412 -12.55 -26.69 -3.15
CA LEU B 412 -13.19 -27.60 -4.13
C LEU B 412 -12.59 -29.01 -4.08
N THR B 413 -13.37 -29.99 -3.62
CA THR B 413 -13.03 -31.45 -3.55
C THR B 413 -13.98 -32.31 -4.41
N LYS B 414 -15.18 -31.86 -4.77
CA LYS B 414 -16.17 -32.71 -5.47
C LYS B 414 -16.45 -32.13 -6.86
N GLY B 415 -16.00 -32.83 -7.91
CA GLY B 415 -16.22 -32.44 -9.32
C GLY B 415 -15.03 -31.67 -9.89
N THR B 416 -14.99 -31.56 -11.21
CA THR B 416 -13.90 -30.87 -11.95
C THR B 416 -14.50 -29.62 -12.62
N LEU B 417 -13.79 -28.52 -12.39
CA LEU B 417 -14.15 -27.14 -12.79
C LEU B 417 -13.70 -26.95 -14.23
N GLU B 418 -14.63 -27.02 -15.18
CA GLU B 418 -14.31 -26.85 -16.62
C GLU B 418 -13.78 -25.43 -16.84
N PRO B 419 -13.02 -25.20 -17.95
CA PRO B 419 -12.42 -23.90 -18.24
C PRO B 419 -13.41 -22.73 -18.39
N GLU B 420 -14.64 -23.00 -18.81
CA GLU B 420 -15.69 -21.95 -19.00
C GLU B 420 -16.12 -21.39 -17.63
N TYR B 421 -15.71 -22.00 -16.53
CA TYR B 421 -16.08 -21.55 -15.15
C TYR B 421 -14.87 -21.00 -14.38
N PHE B 422 -13.68 -20.93 -15.01
CA PHE B 422 -12.41 -20.48 -14.37
C PHE B 422 -12.57 -19.08 -13.81
N ASN B 423 -13.11 -18.17 -14.65
CA ASN B 423 -13.34 -16.72 -14.40
C ASN B 423 -14.17 -16.21 -15.57
N SER B 424 -14.58 -14.95 -15.55
CA SER B 424 -15.55 -14.39 -16.54
C SER B 424 -14.86 -14.15 -17.90
N VAL B 425 -13.55 -13.94 -17.94
CA VAL B 425 -12.75 -13.81 -19.19
C VAL B 425 -12.71 -15.16 -19.91
N CYS B 426 -12.45 -16.25 -19.17
CA CYS B 426 -12.42 -17.62 -19.72
C CYS B 426 -13.83 -18.04 -20.10
N ARG B 427 -14.81 -17.78 -19.25
CA ARG B 427 -16.20 -18.10 -19.62
C ARG B 427 -16.47 -17.46 -20.98
N LEU B 428 -16.03 -16.21 -21.22
CA LEU B 428 -16.29 -15.54 -22.53
C LEU B 428 -15.56 -16.32 -23.62
N MET B 429 -14.25 -16.54 -23.43
CA MET B 429 -13.39 -17.25 -24.42
C MET B 429 -14.05 -18.57 -24.86
N LYS B 430 -14.74 -19.28 -23.97
CA LYS B 430 -15.26 -20.63 -24.29
C LYS B 430 -16.63 -20.54 -24.98
N THR B 431 -17.44 -19.52 -24.64
CA THR B 431 -18.85 -19.36 -25.11
C THR B 431 -18.89 -18.69 -26.49
N ILE B 432 -18.49 -17.41 -26.56
CA ILE B 432 -18.59 -16.54 -27.77
C ILE B 432 -17.24 -16.51 -28.48
N GLY B 433 -16.27 -17.30 -28.02
CA GLY B 433 -14.91 -17.28 -28.58
C GLY B 433 -14.11 -16.08 -28.10
N PRO B 434 -12.77 -16.12 -28.19
CA PRO B 434 -11.94 -14.96 -27.86
C PRO B 434 -12.00 -13.92 -28.99
N ASP B 435 -11.56 -12.70 -28.70
CA ASP B 435 -11.57 -11.58 -29.68
C ASP B 435 -10.50 -11.88 -30.73
N MET B 436 -9.38 -12.40 -30.23
CA MET B 436 -8.12 -12.60 -30.99
C MET B 436 -7.50 -13.94 -30.51
N PHE B 437 -6.98 -14.75 -31.43
CA PHE B 437 -6.37 -16.08 -31.18
C PHE B 437 -5.02 -16.12 -31.92
N LEU B 438 -3.94 -16.43 -31.22
CA LEU B 438 -2.61 -16.71 -31.85
C LEU B 438 -2.59 -18.21 -32.22
N GLY B 439 -2.56 -18.52 -33.51
CA GLY B 439 -2.97 -19.83 -34.04
C GLY B 439 -1.79 -20.71 -34.42
N THR B 440 -0.55 -20.22 -34.37
CA THR B 440 0.64 -21.05 -34.69
C THR B 440 1.59 -21.01 -33.51
N CYS B 441 1.95 -22.20 -33.01
CA CYS B 441 2.93 -22.46 -31.91
C CYS B 441 4.32 -22.58 -32.50
N ARG B 442 5.27 -21.73 -32.07
CA ARG B 442 6.63 -21.65 -32.67
C ARG B 442 7.66 -22.24 -31.70
N ARG B 443 7.20 -22.94 -30.66
CA ARG B 443 8.07 -23.53 -29.61
C ARG B 443 8.21 -25.04 -29.81
N CYS B 444 7.11 -25.73 -30.14
CA CYS B 444 7.01 -27.19 -29.92
C CYS B 444 7.27 -27.95 -31.22
N PRO B 445 7.98 -29.09 -31.17
CA PRO B 445 7.96 -30.05 -32.26
C PRO B 445 6.50 -30.40 -32.60
N ALA B 446 6.21 -30.67 -33.87
CA ALA B 446 4.84 -30.87 -34.42
C ALA B 446 4.13 -32.00 -33.69
N GLU B 447 4.86 -33.07 -33.36
CA GLU B 447 4.33 -34.21 -32.57
C GLU B 447 3.50 -33.67 -31.41
N ILE B 448 4.04 -32.69 -30.67
CA ILE B 448 3.34 -32.08 -29.51
C ILE B 448 2.20 -31.17 -29.97
N VAL B 449 2.45 -30.28 -30.94
CA VAL B 449 1.42 -29.34 -31.47
C VAL B 449 0.22 -30.13 -32.05
N ASP B 450 0.48 -31.07 -32.96
CA ASP B 450 -0.56 -31.96 -33.52
C ASP B 450 -1.35 -32.57 -32.34
N THR B 451 -0.70 -33.10 -31.29
CA THR B 451 -1.41 -33.74 -30.13
C THR B 451 -2.36 -32.75 -29.43
N VAL B 452 -1.82 -31.65 -28.90
CA VAL B 452 -2.65 -30.63 -28.19
C VAL B 452 -3.69 -30.06 -29.17
N SER B 453 -3.33 -29.76 -30.41
CA SER B 453 -4.27 -29.08 -31.34
C SER B 453 -5.56 -29.89 -31.37
N ALA B 454 -5.42 -31.21 -31.52
CA ALA B 454 -6.52 -32.18 -31.42
C ALA B 454 -7.11 -32.15 -30.00
N LEU B 455 -6.29 -32.20 -28.95
CA LEU B 455 -6.79 -32.41 -27.56
C LEU B 455 -7.66 -31.23 -27.07
N VAL B 456 -7.20 -29.98 -27.19
CA VAL B 456 -7.83 -28.82 -26.49
C VAL B 456 -8.03 -27.60 -27.42
N TYR B 457 -7.75 -27.66 -28.71
CA TYR B 457 -7.82 -26.44 -29.55
C TYR B 457 -8.65 -26.67 -30.82
N ASP B 458 -9.40 -27.76 -30.88
CA ASP B 458 -10.32 -28.02 -32.03
C ASP B 458 -9.50 -27.91 -33.31
N ASN B 459 -8.26 -28.42 -33.30
CA ASN B 459 -7.42 -28.54 -34.51
C ASN B 459 -7.06 -27.17 -35.09
N LYS B 460 -7.27 -26.10 -34.31
CA LYS B 460 -7.02 -24.70 -34.77
C LYS B 460 -5.57 -24.31 -34.50
N LEU B 461 -4.79 -25.13 -33.77
CA LEU B 461 -3.38 -24.77 -33.43
C LEU B 461 -2.43 -25.40 -34.45
N LYS B 462 -1.70 -24.55 -35.17
CA LYS B 462 -0.76 -24.99 -36.23
C LYS B 462 0.67 -25.02 -35.65
N ALA B 463 1.46 -25.98 -36.13
CA ALA B 463 2.88 -26.20 -35.78
C ALA B 463 3.74 -25.39 -36.74
N HIS B 464 4.65 -24.59 -36.23
CA HIS B 464 5.65 -23.90 -37.08
C HIS B 464 6.80 -24.84 -37.42
N LYS B 465 7.30 -25.54 -36.41
CA LYS B 465 8.52 -26.39 -36.50
C LYS B 465 8.16 -27.68 -37.23
N ASP B 466 9.19 -28.45 -37.62
CA ASP B 466 9.07 -29.84 -38.14
C ASP B 466 8.67 -30.75 -36.96
N LYS B 467 8.40 -32.03 -37.21
CA LYS B 467 8.54 -33.09 -36.18
C LYS B 467 10.02 -33.13 -35.76
N SER B 468 10.33 -33.30 -34.48
CA SER B 468 11.72 -33.35 -33.97
C SER B 468 12.30 -34.76 -34.09
N ALA B 469 11.43 -35.77 -34.20
CA ALA B 469 11.73 -37.20 -33.99
C ALA B 469 12.43 -37.41 -32.64
N GLN B 470 12.12 -36.59 -31.62
CA GLN B 470 12.68 -36.66 -30.25
C GLN B 470 11.55 -36.60 -29.20
N CYS B 471 10.38 -37.17 -29.50
CA CYS B 471 9.18 -37.12 -28.65
C CYS B 471 8.67 -38.55 -28.44
N PHE B 472 9.00 -39.16 -27.32
CA PHE B 472 8.68 -40.57 -27.02
C PHE B 472 7.55 -40.58 -25.99
N LYS B 473 6.75 -41.63 -26.06
CA LYS B 473 5.71 -41.98 -25.07
C LYS B 473 6.04 -43.41 -24.62
N MET B 474 5.75 -43.78 -23.39
CA MET B 474 5.98 -45.18 -22.98
C MET B 474 4.87 -45.52 -22.00
N PHE B 475 4.18 -46.62 -22.23
CA PHE B 475 3.01 -46.94 -21.39
C PHE B 475 3.52 -47.86 -20.28
N TYR B 476 3.79 -47.29 -19.12
CA TYR B 476 4.41 -48.02 -17.99
C TYR B 476 3.73 -47.62 -16.70
N LYS B 477 2.82 -48.45 -16.18
CA LYS B 477 1.95 -48.11 -15.01
C LYS B 477 2.78 -48.12 -13.72
N GLY B 478 3.79 -48.98 -13.61
CA GLY B 478 4.70 -48.95 -12.45
C GLY B 478 3.93 -49.27 -11.18
N VAL B 479 4.29 -48.64 -10.07
CA VAL B 479 3.66 -48.88 -8.75
C VAL B 479 3.51 -47.52 -8.10
N ILE B 480 2.31 -47.20 -7.62
CA ILE B 480 1.95 -45.89 -7.03
C ILE B 480 2.06 -46.06 -5.51
N THR B 481 3.00 -45.33 -4.90
CA THR B 481 3.09 -45.18 -3.42
C THR B 481 2.73 -43.72 -3.15
N HIS B 482 2.30 -43.40 -1.91
CA HIS B 482 1.81 -42.05 -1.52
C HIS B 482 2.54 -41.58 -0.25
N ASP B 483 3.16 -40.39 -0.29
CA ASP B 483 3.57 -39.59 0.91
C ASP B 483 2.34 -38.77 1.34
N VAL B 484 1.50 -39.33 2.22
CA VAL B 484 0.16 -38.76 2.60
C VAL B 484 -0.81 -38.94 1.42
N SER B 485 -1.11 -37.89 0.64
CA SER B 485 -1.94 -37.93 -0.60
C SER B 485 -1.07 -37.85 -1.86
N SER B 486 0.06 -37.12 -1.77
CA SER B 486 0.99 -36.83 -2.90
C SER B 486 1.58 -38.16 -3.40
N ALA B 487 1.46 -38.38 -4.72
CA ALA B 487 1.73 -39.66 -5.42
C ALA B 487 3.25 -39.82 -5.65
N ILE B 488 3.71 -41.05 -5.71
CA ILE B 488 5.10 -41.37 -6.12
C ILE B 488 5.04 -42.63 -6.99
N ASN B 489 5.91 -42.70 -7.98
CA ASN B 489 6.07 -43.88 -8.85
C ASN B 489 7.57 -44.13 -9.06
N ARG B 490 8.20 -44.88 -8.16
CA ARG B 490 9.62 -45.27 -8.29
C ARG B 490 9.85 -46.01 -9.61
N PRO B 491 9.09 -47.08 -9.95
CA PRO B 491 9.36 -47.78 -11.19
C PRO B 491 9.36 -46.84 -12.42
N GLN B 492 8.53 -45.79 -12.43
CA GLN B 492 8.45 -44.82 -13.57
C GLN B 492 9.70 -43.93 -13.59
N ILE B 493 10.28 -43.61 -12.43
CA ILE B 493 11.62 -42.96 -12.32
C ILE B 493 12.71 -43.95 -12.76
N GLY B 494 12.50 -45.24 -12.50
CA GLY B 494 13.43 -46.34 -12.83
C GLY B 494 13.62 -46.46 -14.33
N VAL B 495 12.53 -46.62 -15.07
CA VAL B 495 12.53 -46.55 -16.57
C VAL B 495 13.27 -45.26 -17.02
N VAL B 496 13.08 -44.12 -16.34
CA VAL B 496 13.67 -42.80 -16.74
C VAL B 496 15.19 -42.88 -16.56
N ARG B 497 15.67 -43.51 -15.48
CA ARG B 497 17.12 -43.75 -15.28
C ARG B 497 17.68 -44.57 -16.47
N GLU B 498 17.02 -45.66 -16.85
CA GLU B 498 17.47 -46.56 -17.95
C GLU B 498 17.54 -45.79 -19.28
N PHE B 499 16.59 -44.91 -19.56
CA PHE B 499 16.55 -44.09 -20.79
C PHE B 499 17.81 -43.19 -20.89
N LEU B 500 18.10 -42.46 -19.81
CA LEU B 500 19.17 -41.43 -19.74
C LEU B 500 20.55 -42.02 -20.08
N THR B 501 20.84 -43.24 -19.63
CA THR B 501 22.13 -43.90 -19.91
C THR B 501 22.29 -43.93 -21.43
N ARG B 502 21.23 -44.36 -22.15
CA ARG B 502 21.28 -44.64 -23.61
C ARG B 502 21.03 -43.35 -24.42
N ASN B 503 20.64 -42.27 -23.76
CA ASN B 503 20.20 -41.04 -24.46
C ASN B 503 20.82 -39.80 -23.81
N PRO B 504 22.18 -39.65 -23.80
CA PRO B 504 22.82 -38.64 -22.95
C PRO B 504 22.44 -37.18 -23.25
N ALA B 505 21.93 -36.86 -24.46
CA ALA B 505 21.40 -35.52 -24.88
C ALA B 505 20.34 -35.03 -23.86
N TRP B 506 19.65 -35.97 -23.22
CA TRP B 506 18.51 -35.73 -22.31
C TRP B 506 18.98 -35.45 -20.89
N ARG B 507 20.30 -35.43 -20.64
CA ARG B 507 20.89 -35.29 -19.27
C ARG B 507 20.61 -33.88 -18.75
N LYS B 508 20.41 -32.94 -19.66
CA LYS B 508 20.18 -31.51 -19.36
C LYS B 508 18.67 -31.26 -19.36
N ALA B 509 17.86 -32.26 -19.00
CA ALA B 509 16.38 -32.24 -19.13
C ALA B 509 15.73 -31.84 -17.81
N VAL B 510 14.63 -31.06 -17.86
CA VAL B 510 13.75 -30.80 -16.69
C VAL B 510 12.92 -32.05 -16.53
N PHE B 511 12.86 -32.63 -15.32
CA PHE B 511 11.87 -33.66 -14.90
C PHE B 511 10.58 -32.96 -14.45
N ILE B 512 9.44 -33.36 -15.03
CA ILE B 512 8.11 -32.77 -14.77
C ILE B 512 7.15 -33.88 -14.41
N SER B 513 6.37 -33.71 -13.35
CA SER B 513 5.33 -34.66 -12.89
C SER B 513 4.22 -33.87 -12.27
N PRO B 514 3.01 -34.43 -12.17
CA PRO B 514 1.89 -33.77 -11.49
C PRO B 514 2.02 -33.69 -9.97
N TYR B 515 3.10 -34.24 -9.41
CA TYR B 515 3.25 -34.38 -7.94
C TYR B 515 4.66 -33.95 -7.50
N ASN B 516 4.70 -33.22 -6.37
CA ASN B 516 5.92 -32.79 -5.64
C ASN B 516 6.68 -34.05 -5.18
N SER B 517 6.04 -34.96 -4.48
CA SER B 517 6.75 -36.13 -3.91
C SER B 517 7.35 -36.96 -5.04
N GLN B 518 6.76 -36.96 -6.23
CA GLN B 518 7.36 -37.71 -7.37
C GLN B 518 8.62 -36.94 -7.77
N ASN B 519 8.50 -35.61 -7.89
CA ASN B 519 9.57 -34.64 -8.22
C ASN B 519 10.70 -34.79 -7.18
N ALA B 520 10.33 -34.95 -5.90
CA ALA B 520 11.27 -35.07 -4.75
C ALA B 520 12.15 -36.31 -4.91
N VAL B 521 11.55 -37.46 -5.26
CA VAL B 521 12.28 -38.75 -5.45
C VAL B 521 13.10 -38.67 -6.73
N ALA B 522 12.61 -37.94 -7.75
CA ALA B 522 13.20 -37.87 -9.12
C ALA B 522 14.48 -37.05 -9.04
N SER B 523 14.46 -35.98 -8.26
CA SER B 523 15.68 -35.24 -7.83
C SER B 523 16.71 -36.23 -7.28
N LYS B 524 16.51 -36.79 -6.09
CA LYS B 524 17.49 -37.67 -5.40
C LYS B 524 18.10 -38.66 -6.42
N ILE B 525 17.28 -39.36 -7.19
CA ILE B 525 17.75 -40.53 -8.01
C ILE B 525 18.40 -40.05 -9.32
N LEU B 526 17.80 -39.08 -10.02
CA LEU B 526 18.14 -38.71 -11.42
C LEU B 526 19.11 -37.52 -11.45
N GLY B 527 19.05 -36.62 -10.46
CA GLY B 527 19.87 -35.41 -10.38
C GLY B 527 19.27 -34.25 -11.16
N LEU B 528 18.31 -34.49 -12.06
CA LEU B 528 17.75 -33.46 -12.99
C LEU B 528 17.08 -32.35 -12.21
N PRO B 529 17.02 -31.13 -12.78
CA PRO B 529 16.19 -30.08 -12.22
C PRO B 529 14.73 -30.60 -12.27
N THR B 530 13.89 -30.13 -11.35
CA THR B 530 12.54 -30.70 -11.09
C THR B 530 11.49 -29.59 -11.10
N GLN B 531 10.25 -29.91 -11.42
CA GLN B 531 9.17 -28.92 -11.72
C GLN B 531 7.80 -29.64 -11.73
N THR B 532 6.84 -29.24 -10.91
CA THR B 532 5.43 -29.73 -11.02
C THR B 532 4.85 -29.19 -12.33
N VAL B 533 3.77 -29.78 -12.83
CA VAL B 533 3.18 -29.31 -14.12
C VAL B 533 2.79 -27.85 -13.93
N ASP B 534 2.22 -27.53 -12.76
CA ASP B 534 1.56 -26.24 -12.44
C ASP B 534 2.61 -25.14 -12.29
N SER B 535 3.72 -25.38 -11.59
CA SER B 535 4.85 -24.41 -11.50
C SER B 535 5.55 -24.28 -12.87
N SER B 536 5.48 -25.28 -13.73
CA SER B 536 6.16 -25.30 -15.05
C SER B 536 5.47 -24.34 -16.02
N GLN B 537 4.23 -23.96 -15.73
CA GLN B 537 3.36 -23.18 -16.66
C GLN B 537 4.11 -21.89 -16.96
N GLY B 538 4.13 -21.46 -18.23
CA GLY B 538 4.74 -20.21 -18.69
C GLY B 538 6.19 -20.36 -19.13
N SER B 539 6.88 -21.43 -18.72
CA SER B 539 8.31 -21.70 -18.98
C SER B 539 8.47 -22.73 -20.10
N GLU B 540 9.65 -22.79 -20.73
CA GLU B 540 10.02 -23.73 -21.81
C GLU B 540 11.41 -24.32 -21.56
N TYR B 541 11.73 -25.46 -22.15
CA TYR B 541 13.02 -26.20 -21.96
C TYR B 541 13.34 -27.07 -23.18
N ASP B 542 14.58 -27.07 -23.64
CA ASP B 542 15.02 -27.90 -24.80
C ASP B 542 14.45 -29.31 -24.67
N TYR B 543 14.53 -29.89 -23.48
CA TYR B 543 14.04 -31.27 -23.26
C TYR B 543 13.22 -31.31 -21.98
N VAL B 544 12.24 -32.21 -21.94
CA VAL B 544 11.31 -32.44 -20.80
C VAL B 544 11.23 -33.92 -20.59
N ILE B 545 11.17 -34.39 -19.34
CA ILE B 545 10.73 -35.77 -19.00
C ILE B 545 9.54 -35.61 -18.07
N PHE B 546 8.42 -36.26 -18.44
CA PHE B 546 7.11 -36.27 -17.73
C PHE B 546 6.82 -37.71 -17.27
N THR B 547 6.60 -37.95 -15.98
CA THR B 547 6.03 -39.22 -15.44
C THR B 547 4.66 -38.91 -14.83
N GLN B 548 3.59 -39.25 -15.55
CA GLN B 548 2.20 -38.98 -15.11
C GLN B 548 1.98 -39.49 -13.69
N THR B 549 2.64 -40.59 -13.32
CA THR B 549 2.76 -41.08 -11.92
C THR B 549 1.54 -41.92 -11.53
N THR B 550 0.32 -41.40 -11.71
CA THR B 550 -0.98 -42.04 -11.34
C THR B 550 -1.98 -41.88 -12.49
N GLU B 551 -3.06 -42.64 -12.48
CA GLU B 551 -4.30 -42.28 -13.20
C GLU B 551 -5.28 -41.76 -12.16
N THR B 552 -5.59 -40.47 -12.27
CA THR B 552 -6.50 -39.71 -11.39
C THR B 552 -7.04 -38.56 -12.22
N ALA B 553 -8.04 -37.88 -11.69
CA ALA B 553 -8.59 -36.64 -12.26
C ALA B 553 -7.46 -35.62 -12.42
N HIS B 554 -6.50 -35.64 -11.49
CA HIS B 554 -5.40 -34.65 -11.38
C HIS B 554 -4.43 -34.88 -12.54
N SER B 555 -3.96 -36.12 -12.70
CA SER B 555 -2.86 -36.45 -13.63
C SER B 555 -3.41 -36.64 -15.05
N CYS B 556 -4.72 -36.81 -15.22
CA CYS B 556 -5.31 -36.95 -16.56
C CYS B 556 -6.06 -35.69 -16.94
N ASN B 557 -6.09 -34.68 -16.07
CA ASN B 557 -6.64 -33.34 -16.43
C ASN B 557 -5.97 -32.91 -17.74
N VAL B 558 -6.77 -32.72 -18.81
CA VAL B 558 -6.29 -32.41 -20.18
C VAL B 558 -5.59 -31.06 -20.19
N ASN B 559 -6.01 -30.13 -19.34
CA ASN B 559 -5.42 -28.77 -19.29
C ASN B 559 -4.02 -28.92 -18.72
N ARG B 560 -3.85 -29.70 -17.64
CA ARG B 560 -2.53 -29.98 -17.01
C ARG B 560 -1.67 -30.70 -18.03
N PHE B 561 -2.16 -31.81 -18.60
CA PHE B 561 -1.49 -32.56 -19.69
C PHE B 561 -1.08 -31.63 -20.85
N ASN B 562 -1.97 -30.72 -21.29
CA ASN B 562 -1.71 -29.76 -22.40
C ASN B 562 -0.44 -28.97 -22.07
N VAL B 563 -0.37 -28.45 -20.83
CA VAL B 563 0.76 -27.65 -20.26
C VAL B 563 2.01 -28.55 -20.14
N ALA B 564 1.93 -29.63 -19.35
CA ALA B 564 2.99 -30.65 -19.22
C ALA B 564 3.85 -30.75 -20.51
N ILE B 565 3.23 -31.01 -21.67
CA ILE B 565 3.96 -31.47 -22.88
C ILE B 565 4.34 -30.29 -23.76
N THR B 566 3.75 -29.11 -23.56
CA THR B 566 4.07 -27.91 -24.38
C THR B 566 5.16 -27.07 -23.68
N ARG B 567 5.88 -27.61 -22.71
CA ARG B 567 7.11 -26.98 -22.19
C ARG B 567 8.27 -27.23 -23.17
N ALA B 568 8.22 -28.28 -24.00
CA ALA B 568 9.37 -28.77 -24.79
C ALA B 568 9.57 -28.00 -26.11
N LYS B 569 10.80 -27.56 -26.36
CA LYS B 569 11.24 -27.04 -27.68
C LYS B 569 11.75 -28.20 -28.54
N VAL B 570 12.63 -29.06 -28.01
CA VAL B 570 13.36 -30.08 -28.81
C VAL B 570 12.69 -31.45 -28.62
N GLY B 571 12.78 -32.01 -27.41
CA GLY B 571 12.37 -33.40 -27.16
C GLY B 571 11.56 -33.54 -25.88
N ILE B 572 10.61 -34.47 -25.85
CA ILE B 572 9.86 -34.81 -24.62
C ILE B 572 9.88 -36.34 -24.51
N LEU B 573 9.99 -36.84 -23.29
CA LEU B 573 9.71 -38.26 -22.95
C LEU B 573 8.53 -38.25 -21.97
N CYS B 574 7.44 -38.91 -22.38
CA CYS B 574 6.24 -39.16 -21.56
C CYS B 574 6.24 -40.64 -21.18
N ILE B 575 6.29 -40.91 -19.88
CA ILE B 575 5.99 -42.21 -19.22
C ILE B 575 4.58 -42.04 -18.67
N MET B 576 3.59 -42.58 -19.39
CA MET B 576 2.12 -42.45 -19.18
C MET B 576 1.59 -43.61 -18.35
N SER B 577 0.48 -43.36 -17.66
CA SER B 577 -0.29 -44.35 -16.85
C SER B 577 -1.69 -44.54 -17.46
N ASP B 578 -2.18 -43.50 -18.14
CA ASP B 578 -3.52 -43.39 -18.76
C ASP B 578 -3.40 -43.82 -20.20
N ARG B 579 -4.13 -44.88 -20.55
CA ARG B 579 -4.24 -45.47 -21.92
C ARG B 579 -4.85 -44.39 -22.81
N ASP B 580 -5.88 -43.72 -22.31
CA ASP B 580 -6.64 -42.69 -23.06
C ASP B 580 -5.62 -41.68 -23.65
N LEU B 581 -4.88 -41.00 -22.78
CA LEU B 581 -3.94 -39.90 -23.14
C LEU B 581 -2.69 -40.53 -23.76
N TYR B 582 -2.32 -41.74 -23.34
CA TYR B 582 -1.20 -42.46 -23.99
C TYR B 582 -1.47 -42.55 -25.50
N ASP B 583 -2.68 -43.04 -25.85
CA ASP B 583 -3.04 -43.42 -27.25
C ASP B 583 -3.15 -42.11 -28.05
N LYS B 584 -3.60 -41.04 -27.39
CA LYS B 584 -3.85 -39.73 -28.07
C LYS B 584 -2.51 -39.08 -28.39
N LEU B 585 -1.45 -39.33 -27.60
CA LEU B 585 -0.09 -38.76 -27.85
C LEU B 585 0.42 -39.22 -29.22
N GLN B 586 0.73 -38.28 -30.11
CA GLN B 586 1.17 -38.60 -31.49
C GLN B 586 2.70 -38.73 -31.52
N PHE B 587 3.26 -39.56 -30.62
CA PHE B 587 4.72 -39.67 -30.37
C PHE B 587 5.17 -41.04 -30.83
N THR B 588 6.40 -41.16 -31.33
CA THR B 588 7.12 -42.45 -31.48
C THR B 588 7.05 -43.23 -30.16
N SER B 589 6.40 -44.39 -30.11
CA SER B 589 6.34 -45.23 -28.89
C SER B 589 7.71 -45.93 -28.67
N LEU B 590 8.18 -46.01 -27.43
CA LEU B 590 9.41 -46.70 -26.96
C LEU B 590 9.02 -48.02 -26.30
N GLU B 591 10.00 -48.90 -26.09
CA GLU B 591 9.83 -50.32 -25.68
C GLU B 591 10.89 -50.67 -24.61
N ILE B 592 10.44 -51.17 -23.43
CA ILE B 592 11.29 -51.80 -22.37
C ILE B 592 10.37 -52.28 -21.22
#